data_5K3N
#
_entry.id   5K3N
#
_cell.length_a   89.467
_cell.length_b   89.467
_cell.length_c   153.731
_cell.angle_alpha   90.000
_cell.angle_beta   90.000
_cell.angle_gamma   120.000
#
_symmetry.space_group_name_H-M   'P 31'
#
loop_
_entity.id
_entity.type
_entity.pdbx_description
1 polymer 'Nuclear receptor ROR-gamma'
2 non-polymer (3S)-3-(2H-1,3-benzodioxol-5-yl)-1-[(3R,5S)-3,5-dimethylpiperidin-1-yl]-3-(2-hydroxy-4,6-dimethoxyphenyl)propan-1-one
3 water water
#
_entity_poly.entity_id   1
_entity_poly.type   'polypeptide(L)'
_entity_poly.pdbx_seq_one_letter_code
;GSHMASLTEIEHLVQSVCKSYRETCQLRLEDLLRQRSNIFSREEVTGYQRKSMWEMWERCAHHLTEAIQYVVEFAKRLSG
FMELCQNDQIVLLKAGAMEVVLVRMCRAYNADNRTVFFEGKYGGMELFRALGCSELISSIFDFSHSLSALHFSEDEIALY
TALVLINAHRPGLQEKRKVEQLQYNLELAFHHHLCKTHRQSILAKLPPKGKLRSLCSQHVERLQIFQHLHPIVVQAAFPP
LYKELFS
;
_entity_poly.pdbx_strand_id   A,B,C,D
#
loop_
_chem_comp.id
_chem_comp.type
_chem_comp.name
_chem_comp.formula
6Q6 non-polymer (3S)-3-(2H-1,3-benzodioxol-5-yl)-1-[(3R,5S)-3,5-dimethylpiperidin-1-yl]-3-(2-hydroxy-4,6-dimethoxyphenyl)propan-1-one 'C25 H31 N O6'
#
# COMPACT_ATOMS: atom_id res chain seq x y z
N ALA A 5 -37.94 -35.36 28.84
CA ALA A 5 -38.97 -34.81 27.98
C ALA A 5 -39.58 -35.89 27.11
N SER A 6 -40.90 -35.88 26.96
CA SER A 6 -41.59 -36.90 26.16
C SER A 6 -41.95 -36.40 24.76
N LEU A 7 -42.37 -37.32 23.90
CA LEU A 7 -42.59 -37.03 22.48
C LEU A 7 -43.63 -35.95 22.25
N THR A 8 -44.74 -36.02 22.97
CA THR A 8 -45.79 -35.02 22.86
C THR A 8 -45.26 -33.66 23.31
N GLU A 9 -44.23 -33.68 24.14
CA GLU A 9 -43.61 -32.47 24.67
C GLU A 9 -42.47 -32.03 23.77
N ILE A 10 -41.72 -33.00 23.27
CA ILE A 10 -40.67 -32.73 22.30
C ILE A 10 -41.34 -32.20 21.05
N GLU A 11 -42.58 -32.63 20.83
CA GLU A 11 -43.41 -32.07 19.78
C GLU A 11 -43.51 -30.57 19.99
N HIS A 12 -44.29 -30.17 20.99
CA HIS A 12 -44.61 -28.76 21.26
C HIS A 12 -43.39 -27.85 21.37
N LEU A 13 -42.31 -28.40 21.91
CA LEU A 13 -41.05 -27.68 22.04
C LEU A 13 -40.62 -27.13 20.69
N VAL A 14 -40.62 -28.01 19.70
CA VAL A 14 -40.27 -27.62 18.34
C VAL A 14 -41.33 -26.69 17.79
N GLN A 15 -42.58 -26.95 18.18
CA GLN A 15 -43.72 -26.22 17.63
C GLN A 15 -43.67 -24.75 18.00
N SER A 16 -43.09 -24.46 19.15
CA SER A 16 -43.04 -23.10 19.69
C SER A 16 -41.90 -22.27 19.10
N VAL A 17 -40.70 -22.86 19.07
CA VAL A 17 -39.51 -22.20 18.55
C VAL A 17 -39.75 -21.61 17.15
N CYS A 18 -40.62 -22.27 16.38
CA CYS A 18 -40.89 -21.87 15.01
C CYS A 18 -41.99 -20.81 14.96
N LYS A 19 -42.77 -20.72 16.02
CA LYS A 19 -43.81 -19.71 16.11
C LYS A 19 -43.20 -18.34 16.36
N SER A 20 -42.16 -18.32 17.20
CA SER A 20 -41.48 -17.07 17.56
C SER A 20 -40.90 -16.38 16.34
N TYR A 21 -39.90 -17.02 15.74
CA TYR A 21 -39.19 -16.54 14.57
C TYR A 21 -40.12 -16.00 13.48
N ARG A 22 -41.33 -16.53 13.42
CA ARG A 22 -42.30 -16.14 12.40
C ARG A 22 -42.61 -14.66 12.47
N GLU A 23 -42.86 -14.17 13.68
CA GLU A 23 -43.20 -12.77 13.91
C GLU A 23 -41.94 -11.93 14.05
N THR A 24 -40.92 -12.50 14.68
CA THR A 24 -39.63 -11.83 14.83
C THR A 24 -38.73 -12.08 13.63
N CYS A 25 -39.33 -12.22 12.45
CA CYS A 25 -38.56 -12.49 11.25
C CYS A 25 -38.03 -11.19 10.64
N GLN A 26 -38.12 -10.11 11.41
CA GLN A 26 -37.82 -8.75 10.94
C GLN A 26 -38.62 -8.45 9.68
N LEU A 27 -38.19 -9.02 8.57
CA LEU A 27 -38.91 -8.89 7.31
C LEU A 27 -39.60 -10.21 7.00
N ARG A 28 -40.88 -10.14 6.61
CA ARG A 28 -41.58 -11.33 6.17
C ARG A 28 -40.92 -11.87 4.92
N LEU A 29 -40.60 -13.16 4.96
CA LEU A 29 -40.02 -13.86 3.82
C LEU A 29 -40.97 -13.72 2.65
N GLU A 30 -42.25 -13.66 2.99
CA GLU A 30 -43.31 -13.28 2.08
C GLU A 30 -42.92 -12.06 1.25
N ASP A 31 -42.33 -11.05 1.90
CA ASP A 31 -41.96 -9.81 1.24
C ASP A 31 -40.50 -9.80 0.76
N LEU A 32 -39.69 -10.65 1.37
CA LEU A 32 -38.28 -10.75 1.02
C LEU A 32 -38.08 -11.14 -0.44
N LEU A 33 -38.82 -12.15 -0.87
CA LEU A 33 -38.69 -12.69 -2.20
C LEU A 33 -39.46 -11.84 -3.17
N ARG A 34 -40.56 -11.28 -2.71
CA ARG A 34 -41.42 -10.47 -3.55
C ARG A 34 -40.67 -9.27 -4.10
N GLN A 35 -39.73 -8.76 -3.32
CA GLN A 35 -38.96 -7.58 -3.70
C GLN A 35 -37.68 -7.95 -4.43
N ARG A 36 -37.60 -9.17 -4.96
CA ARG A 36 -36.41 -9.62 -5.66
C ARG A 36 -36.10 -8.78 -6.90
N SER A 37 -37.13 -8.24 -7.53
CA SER A 37 -36.96 -7.47 -8.77
C SER A 37 -36.68 -6.00 -8.51
N ASN A 38 -36.44 -5.64 -7.25
CA ASN A 38 -36.13 -4.27 -6.89
C ASN A 38 -34.63 -4.11 -6.64
N ILE A 39 -33.94 -3.45 -7.56
CA ILE A 39 -32.49 -3.34 -7.49
C ILE A 39 -32.00 -1.90 -7.56
N PHE A 40 -31.03 -1.56 -6.72
CA PHE A 40 -30.35 -0.28 -6.78
C PHE A 40 -29.68 -0.12 -8.13
N SER A 41 -29.85 1.06 -8.73
CA SER A 41 -29.20 1.39 -9.98
C SER A 41 -27.75 1.76 -9.70
N ARG A 42 -26.92 1.77 -10.73
CA ARG A 42 -25.49 2.01 -10.57
C ARG A 42 -25.17 3.35 -9.91
N GLU A 43 -26.00 4.36 -10.17
CA GLU A 43 -25.82 5.67 -9.56
C GLU A 43 -26.17 5.58 -8.09
N GLU A 44 -27.28 4.90 -7.80
CA GLU A 44 -27.65 4.62 -6.43
C GLU A 44 -26.54 3.84 -5.78
N VAL A 45 -25.92 2.96 -6.57
CA VAL A 45 -24.80 2.16 -6.09
C VAL A 45 -23.57 3.03 -5.87
N THR A 46 -23.19 3.78 -6.91
CA THR A 46 -22.03 4.66 -6.82
C THR A 46 -22.30 5.74 -5.79
N GLY A 47 -23.58 6.01 -5.54
CA GLY A 47 -23.99 6.92 -4.49
C GLY A 47 -23.64 6.35 -3.13
N TYR A 48 -23.88 5.06 -2.96
CA TYR A 48 -23.55 4.36 -1.72
C TYR A 48 -22.05 4.17 -1.57
N GLN A 49 -21.30 4.47 -2.63
CA GLN A 49 -19.85 4.38 -2.60
C GLN A 49 -19.22 5.73 -2.32
N ARG A 50 -19.97 6.79 -2.60
CA ARG A 50 -19.53 8.15 -2.31
C ARG A 50 -19.25 8.29 -0.83
N LYS A 51 -20.16 7.77 -0.01
CA LYS A 51 -20.13 7.96 1.42
C LYS A 51 -18.82 7.55 2.06
N SER A 52 -18.51 8.19 3.18
CA SER A 52 -17.33 7.87 3.96
C SER A 52 -17.65 6.66 4.82
N MET A 53 -16.62 5.95 5.24
CA MET A 53 -16.78 4.73 6.03
C MET A 53 -17.59 4.99 7.30
N TRP A 54 -17.34 6.13 7.94
CA TRP A 54 -18.00 6.47 9.19
C TRP A 54 -19.51 6.43 9.05
N GLU A 55 -20.01 6.83 7.89
CA GLU A 55 -21.45 6.87 7.66
C GLU A 55 -22.04 5.47 7.58
N MET A 56 -21.37 4.59 6.84
CA MET A 56 -21.87 3.26 6.62
C MET A 56 -21.97 2.46 7.92
N TRP A 57 -20.86 2.34 8.64
CA TRP A 57 -20.82 1.55 9.86
C TRP A 57 -21.91 1.97 10.83
N GLU A 58 -22.23 3.25 10.82
CA GLU A 58 -23.35 3.76 11.59
C GLU A 58 -24.65 3.18 11.05
N ARG A 59 -24.88 3.37 9.75
CA ARG A 59 -26.06 2.82 9.08
C ARG A 59 -26.11 1.33 9.32
N CYS A 60 -24.96 0.69 9.19
CA CYS A 60 -24.82 -0.72 9.48
C CYS A 60 -25.30 -1.02 10.88
N ALA A 61 -24.58 -0.49 11.87
CA ALA A 61 -24.91 -0.72 13.27
C ALA A 61 -26.32 -0.25 13.60
N HIS A 62 -26.82 0.70 12.84
CA HIS A 62 -28.20 1.16 13.01
C HIS A 62 -29.19 0.03 12.75
N HIS A 63 -29.22 -0.46 11.50
CA HIS A 63 -30.12 -1.54 11.12
C HIS A 63 -29.76 -2.81 11.87
N LEU A 64 -28.46 -3.00 12.11
CA LEU A 64 -27.97 -4.12 12.88
C LEU A 64 -28.61 -4.12 14.26
N THR A 65 -28.40 -3.05 15.01
CA THR A 65 -28.92 -2.95 16.36
C THR A 65 -30.45 -2.95 16.36
N GLU A 66 -31.02 -2.42 15.28
CA GLU A 66 -32.46 -2.45 15.11
C GLU A 66 -32.90 -3.88 14.82
N ALA A 67 -32.00 -4.68 14.27
CA ALA A 67 -32.29 -6.07 13.99
C ALA A 67 -32.15 -6.89 15.26
N ILE A 68 -31.04 -6.67 15.95
CA ILE A 68 -30.76 -7.37 17.20
C ILE A 68 -31.84 -7.02 18.20
N GLN A 69 -32.43 -5.86 18.02
CA GLN A 69 -33.64 -5.48 18.74
C GLN A 69 -34.66 -6.62 18.67
N TYR A 70 -34.94 -7.11 17.46
CA TYR A 70 -35.88 -8.20 17.29
C TYR A 70 -35.37 -9.49 17.90
N VAL A 71 -34.14 -9.85 17.55
CA VAL A 71 -33.48 -11.08 17.98
C VAL A 71 -33.68 -11.41 19.45
N VAL A 72 -33.59 -10.39 20.30
CA VAL A 72 -33.74 -10.60 21.73
C VAL A 72 -35.16 -11.00 22.06
N GLU A 73 -36.11 -10.24 21.52
CA GLU A 73 -37.53 -10.51 21.73
C GLU A 73 -37.85 -11.93 21.30
N PHE A 74 -37.22 -12.34 20.21
CA PHE A 74 -37.30 -13.72 19.75
C PHE A 74 -36.68 -14.65 20.78
N ALA A 75 -35.42 -14.38 21.12
CA ALA A 75 -34.64 -15.21 22.03
C ALA A 75 -35.22 -15.30 23.44
N LYS A 76 -36.10 -14.37 23.78
CA LYS A 76 -36.63 -14.34 25.14
C LYS A 76 -37.74 -15.39 25.34
N ARG A 77 -38.63 -15.49 24.36
CA ARG A 77 -39.83 -16.33 24.46
C ARG A 77 -39.57 -17.83 24.48
N LEU A 78 -38.31 -18.22 24.65
CA LEU A 78 -37.97 -19.63 24.64
C LEU A 78 -38.22 -20.26 26.00
N SER A 79 -37.67 -21.45 26.22
CA SER A 79 -37.88 -22.15 27.47
C SER A 79 -36.57 -22.60 28.12
N GLY A 80 -36.45 -22.35 29.42
CA GLY A 80 -35.24 -22.63 30.17
C GLY A 80 -34.37 -21.40 30.15
N PHE A 81 -34.73 -20.48 29.27
CA PHE A 81 -33.96 -19.28 29.01
C PHE A 81 -34.02 -18.32 30.18
N MET A 82 -35.23 -17.91 30.52
CA MET A 82 -35.47 -17.01 31.63
C MET A 82 -34.96 -17.58 32.95
N GLU A 83 -35.04 -18.91 33.07
CA GLU A 83 -34.68 -19.57 34.32
C GLU A 83 -33.18 -19.81 34.46
N LEU A 84 -32.41 -18.95 33.81
CA LEU A 84 -30.97 -19.00 33.92
C LEU A 84 -30.50 -17.77 34.65
N CYS A 85 -29.47 -17.90 35.47
CA CYS A 85 -28.96 -16.75 36.18
C CYS A 85 -28.51 -15.72 35.15
N GLN A 86 -28.65 -14.44 35.51
CA GLN A 86 -28.45 -13.37 34.55
C GLN A 86 -27.01 -13.28 34.06
N ASN A 87 -26.08 -13.77 34.88
CA ASN A 87 -24.70 -13.87 34.45
C ASN A 87 -24.63 -14.79 33.23
N ASP A 88 -25.10 -16.01 33.42
CA ASP A 88 -25.10 -17.01 32.36
C ASP A 88 -26.18 -16.76 31.33
N GLN A 89 -27.22 -16.02 31.72
CA GLN A 89 -28.28 -15.67 30.78
C GLN A 89 -27.77 -14.69 29.73
N ILE A 90 -26.68 -14.02 30.05
CA ILE A 90 -26.17 -12.94 29.21
C ILE A 90 -24.87 -13.28 28.50
N VAL A 91 -23.99 -14.01 29.18
CA VAL A 91 -22.74 -14.48 28.58
C VAL A 91 -23.05 -15.06 27.20
N LEU A 92 -24.17 -15.78 27.12
CA LEU A 92 -24.65 -16.32 25.85
C LEU A 92 -25.18 -15.22 24.95
N LEU A 93 -26.16 -14.49 25.45
CA LEU A 93 -26.90 -13.52 24.65
C LEU A 93 -25.95 -12.50 24.03
N LYS A 94 -24.83 -12.27 24.69
CA LYS A 94 -23.83 -11.34 24.22
C LYS A 94 -22.95 -11.99 23.16
N ALA A 95 -22.37 -13.14 23.51
CA ALA A 95 -21.45 -13.82 22.61
C ALA A 95 -22.18 -14.51 21.46
N GLY A 96 -23.47 -14.74 21.65
CA GLY A 96 -24.23 -15.53 20.71
C GLY A 96 -24.95 -14.75 19.62
N ALA A 97 -25.53 -13.62 19.99
CA ALA A 97 -26.46 -12.90 19.12
C ALA A 97 -25.94 -12.49 17.74
N MET A 98 -24.65 -12.21 17.62
CA MET A 98 -24.06 -11.82 16.33
C MET A 98 -24.08 -12.99 15.38
N GLU A 99 -23.62 -14.13 15.89
CA GLU A 99 -23.61 -15.37 15.16
C GLU A 99 -25.02 -15.67 14.64
N VAL A 100 -26.01 -15.44 15.49
CA VAL A 100 -27.40 -15.65 15.12
C VAL A 100 -27.83 -14.72 13.99
N VAL A 101 -27.41 -13.46 14.09
CA VAL A 101 -27.75 -12.46 13.08
C VAL A 101 -27.19 -12.84 11.72
N LEU A 102 -25.93 -13.26 11.70
CA LEU A 102 -25.25 -13.68 10.49
C LEU A 102 -26.07 -14.75 9.77
N VAL A 103 -26.58 -15.70 10.54
CA VAL A 103 -27.44 -16.73 10.01
C VAL A 103 -28.71 -16.11 9.45
N ARG A 104 -29.41 -15.37 10.29
CA ARG A 104 -30.73 -14.82 9.96
C ARG A 104 -30.76 -14.03 8.66
N MET A 105 -29.59 -13.62 8.17
CA MET A 105 -29.54 -12.80 6.97
C MET A 105 -29.46 -13.61 5.68
N CYS A 106 -29.36 -14.94 5.80
CA CYS A 106 -29.27 -15.79 4.62
C CYS A 106 -30.52 -15.69 3.75
N ARG A 107 -31.65 -15.36 4.36
CA ARG A 107 -32.89 -15.18 3.64
C ARG A 107 -32.81 -13.94 2.76
N ALA A 108 -32.14 -12.92 3.28
CA ALA A 108 -31.99 -11.67 2.57
C ALA A 108 -31.12 -11.88 1.34
N TYR A 109 -30.36 -12.96 1.36
CA TYR A 109 -29.50 -13.29 0.24
C TYR A 109 -30.32 -13.80 -0.92
N ASN A 110 -30.18 -13.15 -2.07
CA ASN A 110 -30.73 -13.69 -3.30
C ASN A 110 -29.61 -14.34 -4.09
N ALA A 111 -29.45 -15.65 -3.91
CA ALA A 111 -28.33 -16.36 -4.51
C ALA A 111 -28.35 -16.34 -6.04
N ASP A 112 -29.50 -15.98 -6.61
CA ASP A 112 -29.66 -15.93 -8.06
C ASP A 112 -28.81 -14.83 -8.71
N ASN A 113 -28.46 -13.80 -7.94
CA ASN A 113 -27.67 -12.70 -8.46
C ASN A 113 -26.53 -12.26 -7.53
N ARG A 114 -26.33 -13.01 -6.45
CA ARG A 114 -25.31 -12.71 -5.46
C ARG A 114 -25.49 -11.31 -4.84
N THR A 115 -26.75 -10.95 -4.57
CA THR A 115 -27.07 -9.65 -3.99
C THR A 115 -27.82 -9.78 -2.67
N VAL A 116 -27.95 -8.66 -1.96
CA VAL A 116 -28.52 -8.66 -0.62
C VAL A 116 -29.47 -7.49 -0.42
N PHE A 117 -30.44 -7.67 0.48
CA PHE A 117 -31.45 -6.66 0.75
C PHE A 117 -30.98 -5.67 1.80
N PHE A 118 -30.70 -4.45 1.35
CA PHE A 118 -30.20 -3.43 2.24
C PHE A 118 -31.01 -2.16 2.09
N GLU A 119 -31.87 -1.90 3.06
CA GLU A 119 -32.65 -0.68 3.10
C GLU A 119 -33.51 -0.51 1.85
N GLY A 120 -34.44 -1.44 1.63
CA GLY A 120 -35.47 -1.22 0.65
C GLY A 120 -35.30 -1.88 -0.70
N LYS A 121 -34.06 -2.08 -1.13
CA LYS A 121 -33.81 -2.80 -2.38
C LYS A 121 -32.76 -3.89 -2.24
N TYR A 122 -32.43 -4.52 -3.35
CA TYR A 122 -31.39 -5.54 -3.38
C TYR A 122 -30.16 -5.01 -4.11
N GLY A 123 -28.99 -5.25 -3.54
CA GLY A 123 -27.73 -4.78 -4.12
C GLY A 123 -26.59 -5.69 -3.72
N GLY A 124 -25.51 -5.65 -4.49
CA GLY A 124 -24.42 -6.57 -4.31
C GLY A 124 -23.38 -6.13 -3.30
N MET A 125 -22.23 -6.80 -3.29
CA MET A 125 -21.18 -6.49 -2.34
C MET A 125 -20.40 -5.23 -2.72
N GLU A 126 -20.76 -4.63 -3.85
CA GLU A 126 -20.14 -3.40 -4.31
C GLU A 126 -20.81 -2.20 -3.66
N LEU A 127 -21.95 -2.44 -3.04
CA LEU A 127 -22.70 -1.42 -2.34
C LEU A 127 -21.95 -1.02 -1.08
N PHE A 128 -20.94 -1.80 -0.73
CA PHE A 128 -20.20 -1.59 0.51
C PHE A 128 -18.71 -1.54 0.22
N ARG A 129 -18.36 -0.89 -0.87
CA ARG A 129 -16.97 -0.76 -1.26
C ARG A 129 -16.21 0.15 -0.31
N ALA A 130 -16.90 1.17 0.19
CA ALA A 130 -16.28 2.24 0.96
C ALA A 130 -15.68 1.76 2.29
N LEU A 131 -16.04 0.56 2.72
CA LEU A 131 -15.58 0.02 4.00
C LEU A 131 -14.20 -0.60 3.91
N GLY A 132 -13.68 -0.71 2.69
CA GLY A 132 -12.29 -1.10 2.46
C GLY A 132 -11.88 -2.48 2.90
N CYS A 133 -12.82 -3.42 2.90
CA CYS A 133 -12.52 -4.79 3.26
C CYS A 133 -13.41 -5.73 2.43
N SER A 134 -13.32 -5.57 1.11
CA SER A 134 -14.11 -6.35 0.16
C SER A 134 -14.00 -7.86 0.41
N GLU A 135 -12.84 -8.29 0.86
CA GLU A 135 -12.60 -9.70 1.13
C GLU A 135 -13.58 -10.24 2.17
N LEU A 136 -13.58 -9.62 3.33
CA LEU A 136 -14.45 -10.06 4.42
C LEU A 136 -15.91 -9.98 3.98
N ILE A 137 -16.23 -8.97 3.18
CA ILE A 137 -17.57 -8.79 2.66
C ILE A 137 -18.01 -10.00 1.85
N SER A 138 -17.23 -10.32 0.82
CA SER A 138 -17.47 -11.51 0.03
C SER A 138 -17.44 -12.75 0.90
N SER A 139 -16.49 -12.78 1.84
CA SER A 139 -16.34 -13.92 2.74
C SER A 139 -17.65 -14.21 3.46
N ILE A 140 -18.38 -13.16 3.79
CA ILE A 140 -19.69 -13.29 4.41
C ILE A 140 -20.73 -13.69 3.37
N PHE A 141 -20.67 -13.04 2.23
CA PHE A 141 -21.50 -13.43 1.10
C PHE A 141 -21.30 -14.91 0.82
N ASP A 142 -20.04 -15.31 0.78
CA ASP A 142 -19.67 -16.70 0.53
C ASP A 142 -20.29 -17.60 1.58
N PHE A 143 -20.29 -17.13 2.82
CA PHE A 143 -20.91 -17.87 3.89
C PHE A 143 -22.42 -17.98 3.67
N SER A 144 -23.06 -16.85 3.41
CA SER A 144 -24.51 -16.83 3.25
C SER A 144 -24.92 -17.67 2.04
N HIS A 145 -24.02 -17.79 1.09
CA HIS A 145 -24.25 -18.63 -0.08
C HIS A 145 -24.36 -20.08 0.33
N SER A 146 -23.41 -20.52 1.15
CA SER A 146 -23.33 -21.90 1.58
C SER A 146 -24.51 -22.33 2.48
N LEU A 147 -25.47 -21.43 2.64
CA LEU A 147 -26.69 -21.75 3.35
C LEU A 147 -27.88 -21.58 2.44
N SER A 148 -27.75 -20.62 1.53
CA SER A 148 -28.76 -20.39 0.51
C SER A 148 -28.79 -21.61 -0.39
N ALA A 149 -27.66 -22.31 -0.45
CA ALA A 149 -27.55 -23.56 -1.19
C ALA A 149 -28.22 -24.68 -0.42
N LEU A 150 -28.10 -24.65 0.90
CA LEU A 150 -28.77 -25.63 1.74
C LEU A 150 -30.26 -25.36 1.75
N HIS A 151 -30.64 -24.20 1.22
CA HIS A 151 -32.03 -23.79 1.15
C HIS A 151 -32.67 -23.95 2.50
N PHE A 152 -32.16 -23.20 3.45
CA PHE A 152 -32.69 -23.21 4.80
C PHE A 152 -34.15 -22.81 4.80
N SER A 153 -34.93 -23.43 5.67
CA SER A 153 -36.34 -23.09 5.79
C SER A 153 -36.56 -22.25 7.06
N GLU A 154 -37.69 -21.56 7.11
CA GLU A 154 -38.06 -20.73 8.24
C GLU A 154 -37.96 -21.52 9.55
N ASP A 155 -38.43 -22.75 9.52
CA ASP A 155 -38.42 -23.59 10.71
C ASP A 155 -37.03 -24.19 10.96
N GLU A 156 -36.21 -24.23 9.91
CA GLU A 156 -34.85 -24.74 10.02
C GLU A 156 -33.93 -23.71 10.67
N ILE A 157 -34.05 -22.48 10.21
CA ILE A 157 -33.26 -21.38 10.71
C ILE A 157 -33.49 -21.21 12.21
N ALA A 158 -34.77 -21.15 12.58
CA ALA A 158 -35.16 -20.96 13.96
C ALA A 158 -34.51 -22.00 14.87
N LEU A 159 -34.64 -23.27 14.50
CA LEU A 159 -34.16 -24.35 15.35
C LEU A 159 -32.64 -24.45 15.42
N TYR A 160 -31.96 -23.97 14.38
CA TYR A 160 -30.51 -23.96 14.39
C TYR A 160 -29.98 -22.76 15.18
N THR A 161 -30.58 -21.59 14.96
CA THR A 161 -30.21 -20.40 15.69
C THR A 161 -30.47 -20.58 17.18
N ALA A 162 -31.51 -21.33 17.49
CA ALA A 162 -31.86 -21.62 18.88
C ALA A 162 -30.86 -22.59 19.52
N LEU A 163 -29.81 -22.93 18.79
CA LEU A 163 -28.76 -23.78 19.30
C LEU A 163 -27.41 -23.08 19.25
N VAL A 164 -27.38 -21.96 18.54
CA VAL A 164 -26.19 -21.15 18.45
C VAL A 164 -25.97 -20.51 19.80
N LEU A 165 -27.05 -19.89 20.28
CA LEU A 165 -27.08 -19.23 21.57
C LEU A 165 -26.77 -20.21 22.68
N ILE A 166 -27.54 -21.28 22.73
CA ILE A 166 -27.40 -22.27 23.80
C ILE A 166 -26.11 -23.07 23.66
N ASN A 167 -25.01 -22.48 24.10
CA ASN A 167 -23.73 -23.15 24.06
C ASN A 167 -23.12 -23.23 25.45
N ALA A 168 -23.07 -24.44 26.01
CA ALA A 168 -22.51 -24.65 27.33
C ALA A 168 -21.00 -24.81 27.28
N HIS A 169 -20.42 -24.52 26.11
CA HIS A 169 -18.97 -24.50 26.00
C HIS A 169 -18.43 -23.08 26.01
N ARG A 170 -19.34 -22.10 26.02
CA ARG A 170 -18.93 -20.72 26.20
C ARG A 170 -18.30 -20.59 27.58
N PRO A 171 -17.04 -20.17 27.63
CA PRO A 171 -16.43 -20.03 28.95
C PRO A 171 -17.07 -18.89 29.71
N GLY A 172 -16.93 -18.88 31.02
CA GLY A 172 -17.50 -17.84 31.86
C GLY A 172 -18.91 -18.17 32.26
N LEU A 173 -19.16 -19.46 32.49
CA LEU A 173 -20.49 -19.91 32.90
C LEU A 173 -20.48 -20.51 34.29
N GLN A 174 -21.53 -20.23 35.06
CA GLN A 174 -21.57 -20.60 36.47
C GLN A 174 -22.73 -21.54 36.79
N GLU A 175 -23.75 -21.53 35.94
CA GLU A 175 -24.80 -22.53 35.98
C GLU A 175 -24.59 -23.50 34.82
N LYS A 176 -23.40 -24.07 34.74
CA LYS A 176 -23.05 -24.91 33.61
C LYS A 176 -23.94 -26.15 33.52
N ARG A 177 -24.17 -26.78 34.66
CA ARG A 177 -25.02 -27.98 34.70
C ARG A 177 -26.50 -27.64 34.56
N LYS A 178 -26.81 -26.36 34.36
CA LYS A 178 -28.17 -25.93 34.10
C LYS A 178 -28.34 -25.68 32.60
N VAL A 179 -27.29 -25.12 32.00
CA VAL A 179 -27.29 -24.78 30.59
C VAL A 179 -27.29 -26.04 29.72
N GLU A 180 -26.49 -27.01 30.14
CA GLU A 180 -26.38 -28.27 29.43
C GLU A 180 -27.73 -28.90 29.19
N GLN A 181 -28.59 -28.87 30.20
CA GLN A 181 -29.89 -29.51 30.12
C GLN A 181 -30.76 -28.91 29.03
N LEU A 182 -30.62 -27.61 28.83
CA LEU A 182 -31.42 -26.90 27.84
C LEU A 182 -30.84 -27.10 26.46
N GLN A 183 -29.54 -27.37 26.41
CA GLN A 183 -28.86 -27.63 25.16
C GLN A 183 -29.31 -28.97 24.58
N TYR A 184 -29.20 -30.01 25.41
CA TYR A 184 -29.52 -31.38 25.01
C TYR A 184 -30.93 -31.51 24.47
N ASN A 185 -31.87 -30.95 25.21
CA ASN A 185 -33.27 -31.03 24.82
C ASN A 185 -33.57 -30.18 23.61
N LEU A 186 -32.61 -29.34 23.23
CA LEU A 186 -32.72 -28.57 22.01
C LEU A 186 -32.00 -29.27 20.87
N GLU A 187 -30.84 -29.85 21.18
CA GLU A 187 -30.12 -30.66 20.22
C GLU A 187 -31.00 -31.81 19.78
N LEU A 188 -31.59 -32.48 20.76
CA LEU A 188 -32.47 -33.62 20.51
C LEU A 188 -33.69 -33.21 19.69
N ALA A 189 -34.35 -32.14 20.11
CA ALA A 189 -35.53 -31.64 19.42
C ALA A 189 -35.21 -31.26 17.99
N PHE A 190 -33.96 -30.87 17.75
CA PHE A 190 -33.51 -30.48 16.42
C PHE A 190 -33.39 -31.70 15.51
N HIS A 191 -32.49 -32.60 15.89
CA HIS A 191 -32.25 -33.81 15.11
C HIS A 191 -33.53 -34.59 14.88
N HIS A 192 -34.23 -34.88 15.99
CA HIS A 192 -35.44 -35.70 15.96
C HIS A 192 -36.55 -35.08 15.13
N HIS A 193 -36.36 -33.85 14.68
CA HIS A 193 -37.32 -33.24 13.77
C HIS A 193 -36.78 -33.20 12.35
N LEU A 194 -35.45 -33.19 12.22
CA LEU A 194 -34.83 -33.29 10.91
C LEU A 194 -35.12 -34.69 10.34
N CYS A 195 -35.12 -35.67 11.23
CA CYS A 195 -35.47 -37.05 10.88
C CYS A 195 -36.86 -37.10 10.31
N LYS A 196 -37.83 -36.58 11.05
CA LYS A 196 -39.22 -36.61 10.61
C LYS A 196 -39.45 -35.79 9.33
N THR A 197 -38.41 -35.11 8.88
CA THR A 197 -38.43 -34.40 7.60
C THR A 197 -37.37 -34.96 6.66
N HIS A 198 -36.51 -35.81 7.20
CA HIS A 198 -35.46 -36.49 6.43
C HIS A 198 -34.50 -35.50 5.77
N ARG A 199 -34.10 -34.49 6.53
CA ARG A 199 -33.17 -33.48 6.06
C ARG A 199 -31.77 -33.71 6.64
N GLN A 200 -31.59 -34.86 7.28
CA GLN A 200 -30.37 -35.16 8.03
C GLN A 200 -29.09 -35.05 7.21
N SER A 201 -29.23 -34.93 5.90
CA SER A 201 -28.09 -34.78 5.02
C SER A 201 -27.32 -33.48 5.31
N ILE A 202 -28.03 -32.44 5.75
CA ILE A 202 -27.38 -31.15 6.01
C ILE A 202 -26.45 -31.19 7.23
N LEU A 203 -26.66 -32.14 8.12
CA LEU A 203 -25.86 -32.27 9.34
C LEU A 203 -24.37 -32.49 9.10
N ALA A 204 -23.99 -32.58 7.83
CA ALA A 204 -22.59 -32.61 7.45
C ALA A 204 -22.35 -31.45 6.49
N LYS A 205 -23.42 -30.96 5.89
CA LYS A 205 -23.35 -29.82 4.99
C LYS A 205 -23.33 -28.53 5.79
N LEU A 206 -23.63 -28.64 7.08
CA LEU A 206 -23.63 -27.49 7.98
C LEU A 206 -22.30 -26.79 8.00
N PRO A 207 -22.32 -25.45 7.97
CA PRO A 207 -21.12 -24.64 8.09
C PRO A 207 -20.44 -24.93 9.41
N PRO A 208 -19.12 -25.05 9.38
CA PRO A 208 -18.27 -25.52 10.48
C PRO A 208 -18.65 -24.88 11.81
N LYS A 209 -18.52 -25.63 12.89
CA LYS A 209 -18.71 -25.07 14.23
C LYS A 209 -17.44 -24.29 14.59
N GLY A 210 -17.49 -22.99 14.39
CA GLY A 210 -16.32 -22.15 14.63
C GLY A 210 -16.19 -21.12 13.54
N LYS A 211 -16.62 -21.47 12.33
CA LYS A 211 -16.65 -20.53 11.22
C LYS A 211 -17.63 -19.42 11.52
N LEU A 212 -18.78 -19.82 12.05
CA LEU A 212 -19.84 -18.89 12.40
C LEU A 212 -19.32 -17.91 13.44
N ARG A 213 -18.50 -18.41 14.35
CA ARG A 213 -17.89 -17.59 15.36
C ARG A 213 -16.80 -16.71 14.72
N SER A 214 -15.83 -17.35 14.06
CA SER A 214 -14.66 -16.66 13.53
C SER A 214 -14.96 -15.69 12.41
N LEU A 215 -16.21 -15.60 12.01
CA LEU A 215 -16.60 -14.64 11.01
C LEU A 215 -17.26 -13.45 11.70
N CYS A 216 -18.10 -13.74 12.69
CA CYS A 216 -18.73 -12.68 13.48
C CYS A 216 -17.72 -12.04 14.41
N SER A 217 -16.77 -12.84 14.90
CA SER A 217 -15.71 -12.35 15.76
C SER A 217 -14.77 -11.48 14.95
N GLN A 218 -14.78 -11.67 13.65
CA GLN A 218 -13.97 -10.87 12.76
C GLN A 218 -14.79 -9.69 12.29
N HIS A 219 -16.10 -9.82 12.45
CA HIS A 219 -17.03 -8.79 12.04
C HIS A 219 -17.03 -7.66 13.06
N VAL A 220 -16.71 -7.99 14.31
CA VAL A 220 -16.75 -7.02 15.39
C VAL A 220 -15.43 -6.29 15.56
N GLU A 221 -14.34 -6.98 15.27
CA GLU A 221 -13.02 -6.37 15.38
C GLU A 221 -12.87 -5.19 14.44
N ARG A 222 -13.16 -5.41 13.16
CA ARG A 222 -13.09 -4.31 12.20
C ARG A 222 -14.28 -3.37 12.32
N LEU A 223 -15.03 -3.50 13.41
CA LEU A 223 -16.08 -2.56 13.76
C LEU A 223 -15.74 -1.92 15.09
N GLN A 224 -14.92 -2.62 15.88
CA GLN A 224 -14.54 -2.15 17.21
C GLN A 224 -13.80 -0.82 17.15
N ILE A 225 -13.24 -0.51 15.99
CA ILE A 225 -12.46 0.71 15.83
C ILE A 225 -13.36 1.88 15.47
N PHE A 226 -14.60 1.57 15.08
CA PHE A 226 -15.48 2.58 14.52
C PHE A 226 -16.67 2.90 15.42
N GLN A 227 -17.14 1.88 16.13
CA GLN A 227 -18.30 2.02 16.99
C GLN A 227 -18.39 0.82 17.90
N HIS A 228 -18.64 1.07 19.17
CA HIS A 228 -18.76 -0.01 20.13
C HIS A 228 -20.16 -0.07 20.69
N LEU A 229 -21.06 -0.64 19.91
CA LEU A 229 -22.46 -0.69 20.32
C LEU A 229 -22.91 -2.10 20.60
N HIS A 230 -22.94 -2.47 21.88
CA HIS A 230 -23.49 -3.74 22.28
C HIS A 230 -24.79 -3.49 23.03
N PRO A 231 -25.92 -3.73 22.36
CA PRO A 231 -27.23 -3.58 22.99
C PRO A 231 -27.49 -4.73 23.94
N ILE A 232 -28.00 -4.41 25.12
CA ILE A 232 -28.41 -5.43 26.07
C ILE A 232 -29.79 -5.94 25.66
N ALA B 5 7.20 0.05 9.65
CA ALA B 5 5.86 0.45 10.06
C ALA B 5 4.92 -0.76 10.21
N SER B 6 3.67 -0.49 10.53
CA SER B 6 2.67 -1.54 10.75
C SER B 6 1.45 -1.33 9.86
N LEU B 7 0.77 -2.43 9.53
CA LEU B 7 -0.43 -2.37 8.72
C LEU B 7 -1.54 -1.61 9.45
N THR B 8 -1.59 -1.77 10.77
CA THR B 8 -2.57 -1.07 11.58
C THR B 8 -2.22 0.42 11.54
N GLU B 9 -0.93 0.74 11.55
CA GLU B 9 -0.46 2.11 11.45
C GLU B 9 -0.93 2.77 10.17
N ILE B 10 -0.69 2.07 9.07
CA ILE B 10 -1.11 2.53 7.75
C ILE B 10 -2.62 2.60 7.71
N GLU B 11 -3.27 1.73 8.47
CA GLU B 11 -4.71 1.78 8.59
C GLU B 11 -5.12 2.89 9.55
N HIS B 12 -4.33 3.08 10.60
CA HIS B 12 -4.57 4.15 11.59
C HIS B 12 -4.65 5.49 10.92
N LEU B 13 -3.61 5.79 10.14
CA LEU B 13 -3.48 7.07 9.46
C LEU B 13 -4.68 7.35 8.58
N VAL B 14 -5.05 6.36 7.79
CA VAL B 14 -6.22 6.45 6.92
C VAL B 14 -7.43 6.84 7.74
N GLN B 15 -7.78 5.99 8.69
CA GLN B 15 -8.94 6.20 9.54
C GLN B 15 -8.90 7.56 10.24
N SER B 16 -7.70 7.93 10.68
CA SER B 16 -7.49 9.19 11.37
C SER B 16 -7.82 10.38 10.48
N VAL B 17 -7.19 10.41 9.30
CA VAL B 17 -7.45 11.43 8.33
C VAL B 17 -8.93 11.47 7.96
N CYS B 18 -9.53 10.28 7.87
CA CYS B 18 -10.95 10.16 7.54
C CYS B 18 -11.82 10.78 8.61
N LYS B 19 -11.45 10.55 9.87
CA LYS B 19 -12.14 11.16 10.99
C LYS B 19 -11.97 12.68 10.91
N SER B 20 -10.75 13.12 10.61
CA SER B 20 -10.42 14.55 10.57
C SER B 20 -11.30 15.30 9.59
N TYR B 21 -11.43 14.75 8.40
CA TYR B 21 -12.30 15.36 7.39
C TYR B 21 -13.74 15.31 7.85
N ARG B 22 -14.12 14.20 8.47
CA ARG B 22 -15.49 14.02 8.95
C ARG B 22 -15.84 15.13 9.94
N GLU B 23 -14.80 15.71 10.54
CA GLU B 23 -14.95 16.81 11.48
C GLU B 23 -14.94 18.16 10.78
N THR B 24 -13.98 18.34 9.87
CA THR B 24 -13.84 19.61 9.17
C THR B 24 -14.65 19.65 7.87
N CYS B 25 -15.63 18.75 7.77
CA CYS B 25 -16.42 18.60 6.55
C CYS B 25 -17.17 19.87 6.16
N GLN B 26 -17.34 20.76 7.13
CA GLN B 26 -18.02 22.04 6.92
C GLN B 26 -19.47 21.88 6.46
N LEU B 27 -19.66 21.34 5.26
CA LEU B 27 -20.98 21.20 4.67
C LEU B 27 -21.57 19.79 4.84
N ARG B 28 -22.90 19.70 4.79
CA ARG B 28 -23.58 18.42 4.88
C ARG B 28 -24.01 17.93 3.49
N LEU B 29 -23.41 16.81 3.08
CA LEU B 29 -23.58 16.28 1.74
C LEU B 29 -25.01 15.95 1.40
N GLU B 30 -25.74 15.48 2.40
CA GLU B 30 -27.15 15.17 2.23
C GLU B 30 -27.91 16.41 1.78
N ASP B 31 -27.86 17.45 2.61
CA ASP B 31 -28.53 18.71 2.32
C ASP B 31 -27.96 19.31 1.06
N LEU B 32 -26.66 19.12 0.87
CA LEU B 32 -25.96 19.59 -0.31
C LEU B 32 -26.66 19.08 -1.56
N LEU B 33 -26.91 17.78 -1.58
CA LEU B 33 -27.56 17.15 -2.73
C LEU B 33 -29.05 17.33 -2.65
N ARG B 34 -29.58 17.49 -1.44
CA ARG B 34 -31.01 17.66 -1.26
C ARG B 34 -31.46 18.98 -1.87
N GLN B 35 -30.60 19.99 -1.80
CA GLN B 35 -30.95 21.31 -2.30
C GLN B 35 -30.63 21.49 -3.78
N ARG B 36 -30.32 20.39 -4.45
CA ARG B 36 -30.04 20.43 -5.89
C ARG B 36 -31.29 20.88 -6.66
N SER B 37 -32.45 20.73 -6.04
CA SER B 37 -33.70 21.20 -6.61
C SER B 37 -33.78 22.72 -6.52
N ASN B 38 -33.27 23.26 -5.42
CA ASN B 38 -33.32 24.69 -5.18
C ASN B 38 -32.42 25.46 -6.13
N ILE B 39 -33.03 26.16 -7.08
CA ILE B 39 -32.28 26.87 -8.12
C ILE B 39 -32.69 28.34 -8.19
N PHE B 40 -31.72 29.20 -8.40
CA PHE B 40 -31.97 30.62 -8.60
C PHE B 40 -32.83 30.82 -9.84
N SER B 41 -33.96 31.50 -9.66
CA SER B 41 -34.81 31.88 -10.78
C SER B 41 -34.02 32.84 -11.65
N ARG B 42 -34.47 33.05 -12.88
CA ARG B 42 -33.77 33.98 -13.77
C ARG B 42 -33.84 35.42 -13.28
N GLU B 43 -34.48 35.63 -12.13
CA GLU B 43 -34.66 36.94 -11.54
C GLU B 43 -33.81 37.10 -10.30
N GLU B 44 -33.76 36.05 -9.48
CA GLU B 44 -32.86 36.04 -8.34
C GLU B 44 -31.44 36.09 -8.85
N VAL B 45 -31.23 35.47 -10.00
CA VAL B 45 -29.96 35.54 -10.71
C VAL B 45 -29.67 36.98 -11.07
N THR B 46 -30.69 37.65 -11.62
CA THR B 46 -30.57 39.03 -12.04
C THR B 46 -30.15 39.91 -10.86
N GLY B 47 -30.59 39.53 -9.67
CA GLY B 47 -30.19 40.20 -8.46
C GLY B 47 -28.68 40.27 -8.35
N TYR B 48 -28.02 39.13 -8.42
CA TYR B 48 -26.56 39.05 -8.34
C TYR B 48 -25.90 39.63 -9.57
N GLN B 49 -26.68 39.80 -10.63
CA GLN B 49 -26.13 40.33 -11.88
C GLN B 49 -26.06 41.84 -11.86
N ARG B 50 -27.07 42.47 -11.25
CA ARG B 50 -27.08 43.93 -11.11
C ARG B 50 -25.92 44.39 -10.23
N LYS B 51 -25.46 43.50 -9.35
CA LYS B 51 -24.47 43.85 -8.35
C LYS B 51 -23.13 44.32 -8.91
N SER B 52 -22.27 44.76 -8.01
CA SER B 52 -20.97 45.25 -8.35
C SER B 52 -19.95 44.13 -8.18
N MET B 53 -18.87 44.17 -8.94
CA MET B 53 -17.80 43.19 -8.79
C MET B 53 -17.23 43.26 -7.38
N TRP B 54 -16.94 44.48 -6.93
CA TRP B 54 -16.46 44.73 -5.58
C TRP B 54 -17.37 44.06 -4.56
N GLU B 55 -18.67 44.08 -4.83
CA GLU B 55 -19.65 43.42 -3.98
C GLU B 55 -19.51 41.90 -4.02
N MET B 56 -19.56 41.33 -5.22
CA MET B 56 -19.47 39.88 -5.37
C MET B 56 -18.13 39.37 -4.85
N TRP B 57 -17.05 40.06 -5.20
CA TRP B 57 -15.72 39.69 -4.73
C TRP B 57 -15.68 39.68 -3.21
N GLU B 58 -16.43 40.60 -2.63
CA GLU B 58 -16.52 40.72 -1.19
C GLU B 58 -17.27 39.51 -0.63
N ARG B 59 -18.45 39.25 -1.16
CA ARG B 59 -19.28 38.15 -0.69
C ARG B 59 -18.53 36.84 -0.75
N CYS B 60 -17.83 36.65 -1.86
CA CYS B 60 -17.04 35.45 -2.09
C CYS B 60 -15.96 35.33 -1.04
N ALA B 61 -15.12 36.37 -0.97
CA ALA B 61 -14.00 36.39 -0.03
C ALA B 61 -14.44 36.09 1.39
N HIS B 62 -15.69 36.43 1.72
CA HIS B 62 -16.24 36.09 3.03
C HIS B 62 -16.30 34.59 3.27
N HIS B 63 -17.17 33.90 2.51
CA HIS B 63 -17.32 32.46 2.62
C HIS B 63 -15.97 31.81 2.39
N LEU B 64 -15.26 32.37 1.41
CA LEU B 64 -13.94 31.91 1.03
C LEU B 64 -13.06 31.84 2.25
N THR B 65 -12.67 33.00 2.74
CA THR B 65 -11.76 33.09 3.87
C THR B 65 -12.32 32.37 5.09
N GLU B 66 -13.64 32.27 5.16
CA GLU B 66 -14.28 31.52 6.22
C GLU B 66 -13.98 30.03 6.12
N ALA B 67 -14.21 29.47 4.94
CA ALA B 67 -14.09 28.02 4.73
C ALA B 67 -12.66 27.52 4.91
N ILE B 68 -11.69 28.37 4.59
CA ILE B 68 -10.28 28.02 4.67
C ILE B 68 -9.85 27.73 6.09
N GLN B 69 -10.61 28.24 7.04
CA GLN B 69 -10.30 28.02 8.44
C GLN B 69 -10.40 26.53 8.72
N TYR B 70 -11.36 25.88 8.06
CA TYR B 70 -11.57 24.45 8.22
C TYR B 70 -10.37 23.64 7.75
N VAL B 71 -9.77 24.10 6.65
CA VAL B 71 -8.60 23.47 6.07
C VAL B 71 -7.45 23.43 7.06
N VAL B 72 -7.28 24.54 7.77
CA VAL B 72 -6.15 24.71 8.66
C VAL B 72 -6.20 23.80 9.87
N GLU B 73 -7.34 23.76 10.54
CA GLU B 73 -7.50 22.88 11.70
C GLU B 73 -7.45 21.44 11.26
N PHE B 74 -7.92 21.18 10.05
CA PHE B 74 -7.76 19.88 9.45
C PHE B 74 -6.27 19.58 9.39
N ALA B 75 -5.48 20.59 9.02
CA ALA B 75 -4.04 20.43 8.89
C ALA B 75 -3.34 20.21 10.22
N LYS B 76 -3.85 20.85 11.27
CA LYS B 76 -3.28 20.68 12.60
C LYS B 76 -3.52 19.26 13.10
N ARG B 77 -4.70 18.73 12.79
CA ARG B 77 -5.10 17.39 13.23
C ARG B 77 -4.35 16.30 12.51
N LEU B 78 -3.72 16.66 11.40
CA LEU B 78 -2.81 15.75 10.74
C LEU B 78 -1.62 15.60 11.67
N SER B 79 -1.27 14.35 11.96
CA SER B 79 -0.21 14.06 12.91
C SER B 79 1.17 14.47 12.40
N GLY B 80 1.97 15.07 13.27
CA GLY B 80 3.32 15.49 12.93
C GLY B 80 3.38 16.93 12.47
N PHE B 81 2.22 17.47 12.12
CA PHE B 81 2.11 18.84 11.63
C PHE B 81 2.37 19.83 12.76
N MET B 82 1.95 19.44 13.96
CA MET B 82 2.16 20.26 15.14
C MET B 82 3.66 20.41 15.42
N GLU B 83 4.37 19.28 15.31
CA GLU B 83 5.79 19.22 15.63
C GLU B 83 6.64 20.08 14.70
N LEU B 84 6.08 20.43 13.55
CA LEU B 84 6.74 21.36 12.66
C LEU B 84 6.83 22.70 13.35
N CYS B 85 7.87 23.46 13.03
CA CYS B 85 7.98 24.80 13.56
C CYS B 85 6.83 25.62 12.97
N GLN B 86 6.40 26.64 13.69
CA GLN B 86 5.21 27.40 13.35
C GLN B 86 5.28 27.98 11.94
N ASN B 87 6.48 28.41 11.55
CA ASN B 87 6.73 28.85 10.19
C ASN B 87 6.26 27.78 9.22
N ASP B 88 6.90 26.62 9.31
CA ASP B 88 6.55 25.46 8.50
C ASP B 88 5.08 25.11 8.61
N GLN B 89 4.54 25.23 9.82
CA GLN B 89 3.12 24.97 10.04
C GLN B 89 2.23 25.88 9.21
N ILE B 90 2.78 27.01 8.78
CA ILE B 90 1.98 27.94 8.01
C ILE B 90 2.42 28.00 6.55
N VAL B 91 3.69 27.66 6.30
CA VAL B 91 4.20 27.67 4.93
C VAL B 91 3.39 26.76 4.02
N LEU B 92 2.94 25.64 4.58
CA LEU B 92 2.17 24.67 3.81
C LEU B 92 0.83 25.23 3.38
N LEU B 93 0.08 25.72 4.34
CA LEU B 93 -1.21 26.32 4.08
C LEU B 93 -1.03 27.56 3.23
N LYS B 94 0.16 28.13 3.30
CA LYS B 94 0.50 29.31 2.52
C LYS B 94 0.39 29.03 1.03
N ALA B 95 0.70 27.80 0.63
CA ALA B 95 0.69 27.46 -0.79
C ALA B 95 -0.29 26.33 -1.13
N GLY B 96 -1.06 25.89 -0.14
CA GLY B 96 -1.97 24.78 -0.35
C GLY B 96 -3.31 24.83 0.34
N ALA B 97 -3.76 26.02 0.73
CA ALA B 97 -5.02 26.13 1.47
C ALA B 97 -6.24 26.23 0.56
N MET B 98 -6.11 27.08 -0.46
CA MET B 98 -7.18 27.39 -1.40
C MET B 98 -7.55 26.21 -2.26
N GLU B 99 -6.53 25.43 -2.54
CA GLU B 99 -6.65 24.26 -3.36
C GLU B 99 -7.64 23.28 -2.72
N VAL B 100 -7.48 23.02 -1.43
CA VAL B 100 -8.39 22.16 -0.67
C VAL B 100 -9.83 22.66 -0.72
N VAL B 101 -9.97 23.97 -0.73
CA VAL B 101 -11.28 24.59 -0.82
C VAL B 101 -11.92 24.32 -2.17
N LEU B 102 -11.13 24.53 -3.24
CA LEU B 102 -11.61 24.28 -4.59
C LEU B 102 -12.01 22.83 -4.74
N VAL B 103 -11.29 21.97 -4.05
CA VAL B 103 -11.60 20.55 -4.02
C VAL B 103 -12.96 20.32 -3.39
N ARG B 104 -13.18 20.86 -2.20
CA ARG B 104 -14.43 20.65 -1.47
C ARG B 104 -15.66 21.04 -2.30
N MET B 105 -15.43 21.85 -3.33
CA MET B 105 -16.50 22.38 -4.14
C MET B 105 -17.10 21.43 -5.17
N CYS B 106 -16.41 20.32 -5.42
CA CYS B 106 -16.93 19.30 -6.31
C CYS B 106 -18.21 18.71 -5.75
N ARG B 107 -18.26 18.59 -4.42
CA ARG B 107 -19.46 18.13 -3.72
C ARG B 107 -20.58 19.11 -3.97
N ALA B 108 -20.21 20.36 -4.16
CA ALA B 108 -21.18 21.42 -4.39
C ALA B 108 -21.45 21.58 -5.87
N TYR B 109 -20.76 20.79 -6.68
CA TYR B 109 -20.95 20.87 -8.12
C TYR B 109 -22.08 19.96 -8.54
N ASN B 110 -22.76 20.38 -9.59
CA ASN B 110 -23.81 19.58 -10.16
C ASN B 110 -23.61 19.49 -11.66
N ALA B 111 -22.98 18.40 -12.09
CA ALA B 111 -22.61 18.22 -13.48
C ALA B 111 -23.83 18.12 -14.39
N ASP B 112 -24.98 17.85 -13.79
CA ASP B 112 -26.23 17.71 -14.53
C ASP B 112 -26.56 18.98 -15.31
N ASN B 113 -26.39 20.12 -14.65
CA ASN B 113 -26.71 21.41 -15.24
C ASN B 113 -25.59 22.42 -15.04
N ARG B 114 -24.43 21.92 -14.61
CA ARG B 114 -23.27 22.76 -14.36
C ARG B 114 -23.61 23.88 -13.39
N THR B 115 -24.14 23.50 -12.23
CA THR B 115 -24.49 24.46 -11.20
C THR B 115 -23.68 24.23 -9.94
N VAL B 116 -23.42 25.31 -9.22
CA VAL B 116 -22.65 25.24 -7.97
C VAL B 116 -23.46 25.87 -6.85
N PHE B 117 -23.08 25.53 -5.61
CA PHE B 117 -23.81 25.96 -4.44
C PHE B 117 -23.32 27.31 -3.93
N PHE B 118 -24.11 28.35 -4.16
CA PHE B 118 -23.73 29.67 -3.73
C PHE B 118 -24.81 30.30 -2.86
N GLU B 119 -24.48 30.48 -1.59
CA GLU B 119 -25.38 31.14 -0.64
C GLU B 119 -26.75 30.49 -0.61
N GLY B 120 -26.78 29.23 -0.20
CA GLY B 120 -28.04 28.56 0.07
C GLY B 120 -28.80 28.03 -1.12
N LYS B 121 -28.32 28.29 -2.33
CA LYS B 121 -28.95 27.75 -3.53
C LYS B 121 -27.94 27.34 -4.59
N TYR B 122 -28.45 26.90 -5.74
CA TYR B 122 -27.61 26.49 -6.86
C TYR B 122 -27.78 27.47 -8.02
N GLY B 123 -26.66 27.90 -8.60
CA GLY B 123 -26.67 28.82 -9.71
C GLY B 123 -25.59 28.51 -10.73
N GLY B 124 -25.82 28.92 -11.98
CA GLY B 124 -24.90 28.62 -13.07
C GLY B 124 -23.66 29.48 -13.04
N MET B 125 -22.92 29.49 -14.14
CA MET B 125 -21.71 30.29 -14.22
C MET B 125 -22.03 31.73 -14.61
N GLU B 126 -23.23 31.95 -15.12
CA GLU B 126 -23.66 33.28 -15.51
C GLU B 126 -24.05 34.11 -14.29
N LEU B 127 -23.99 33.49 -13.12
CA LEU B 127 -24.29 34.16 -11.86
C LEU B 127 -23.19 35.13 -11.51
N PHE B 128 -21.99 34.85 -12.01
CA PHE B 128 -20.80 35.63 -11.67
C PHE B 128 -20.36 36.44 -12.88
N ARG B 129 -21.33 37.00 -13.59
CA ARG B 129 -21.09 37.72 -14.82
C ARG B 129 -20.19 38.92 -14.61
N ALA B 130 -20.48 39.68 -13.56
CA ALA B 130 -19.81 40.96 -13.33
C ALA B 130 -18.32 40.84 -13.00
N LEU B 131 -17.87 39.64 -12.64
CA LEU B 131 -16.50 39.45 -12.19
C LEU B 131 -15.44 39.57 -13.30
N GLY B 132 -15.87 39.56 -14.54
CA GLY B 132 -15.03 39.95 -15.67
C GLY B 132 -13.87 39.05 -16.06
N CYS B 133 -13.89 37.80 -15.64
CA CYS B 133 -12.90 36.83 -16.08
C CYS B 133 -13.55 35.48 -16.31
N SER B 134 -14.32 35.40 -17.40
CA SER B 134 -15.06 34.20 -17.74
C SER B 134 -14.13 33.02 -17.94
N GLU B 135 -12.94 33.29 -18.47
CA GLU B 135 -11.94 32.25 -18.66
C GLU B 135 -11.68 31.51 -17.35
N LEU B 136 -11.45 32.27 -16.29
CA LEU B 136 -11.16 31.70 -14.99
C LEU B 136 -12.38 31.03 -14.37
N ILE B 137 -13.56 31.62 -14.58
CA ILE B 137 -14.79 31.09 -14.01
C ILE B 137 -15.11 29.73 -14.62
N SER B 138 -15.12 29.69 -15.94
CA SER B 138 -15.39 28.46 -16.68
C SER B 138 -14.38 27.38 -16.32
N SER B 139 -13.10 27.71 -16.43
CA SER B 139 -12.03 26.74 -16.19
C SER B 139 -12.10 26.09 -14.81
N ILE B 140 -12.88 26.68 -13.91
CA ILE B 140 -13.14 26.08 -12.61
C ILE B 140 -14.33 25.14 -12.70
N PHE B 141 -15.36 25.57 -13.42
CA PHE B 141 -16.53 24.74 -13.64
C PHE B 141 -16.16 23.47 -14.40
N ASP B 142 -15.22 23.60 -15.32
CA ASP B 142 -14.76 22.47 -16.10
C ASP B 142 -13.92 21.56 -15.23
N PHE B 143 -13.36 22.14 -14.18
CA PHE B 143 -12.55 21.38 -13.27
C PHE B 143 -13.42 20.52 -12.38
N SER B 144 -14.47 21.11 -11.82
CA SER B 144 -15.36 20.38 -10.93
C SER B 144 -16.19 19.37 -11.72
N HIS B 145 -16.24 19.57 -13.03
CA HIS B 145 -16.78 18.56 -13.92
C HIS B 145 -15.89 17.34 -13.81
N SER B 146 -14.59 17.58 -13.88
CA SER B 146 -13.61 16.50 -13.92
C SER B 146 -13.41 15.83 -12.57
N LEU B 147 -14.22 16.19 -11.59
CA LEU B 147 -14.13 15.58 -10.27
C LEU B 147 -15.44 14.92 -9.88
N SER B 148 -16.52 15.47 -10.40
CA SER B 148 -17.84 14.91 -10.18
C SER B 148 -18.10 13.90 -11.30
N ALA B 149 -17.07 13.64 -12.09
CA ALA B 149 -17.12 12.63 -13.15
C ALA B 149 -16.38 11.37 -12.71
N LEU B 150 -15.31 11.56 -11.95
CA LEU B 150 -14.52 10.45 -11.45
C LEU B 150 -15.23 9.79 -10.29
N HIS B 151 -16.38 10.36 -9.92
CA HIS B 151 -17.20 9.84 -8.83
C HIS B 151 -16.37 9.71 -7.56
N PHE B 152 -15.93 10.85 -7.05
CA PHE B 152 -15.03 10.92 -5.91
C PHE B 152 -15.75 10.70 -4.59
N SER B 153 -15.31 9.70 -3.83
CA SER B 153 -15.93 9.39 -2.56
C SER B 153 -15.34 10.26 -1.45
N GLU B 154 -16.03 10.29 -0.31
CA GLU B 154 -15.65 11.17 0.80
C GLU B 154 -14.23 10.92 1.30
N ASP B 155 -13.97 9.70 1.75
CA ASP B 155 -12.69 9.37 2.33
C ASP B 155 -11.54 9.51 1.33
N GLU B 156 -11.88 9.45 0.06
CA GLU B 156 -10.90 9.67 -1.00
C GLU B 156 -10.40 11.11 -0.95
N ILE B 157 -11.36 12.02 -0.85
CA ILE B 157 -11.07 13.45 -0.81
C ILE B 157 -10.13 13.77 0.34
N ALA B 158 -10.46 13.22 1.50
CA ALA B 158 -9.71 13.47 2.73
C ALA B 158 -8.22 13.23 2.54
N LEU B 159 -7.88 12.32 1.64
CA LEU B 159 -6.48 11.95 1.40
C LEU B 159 -5.78 12.80 0.35
N TYR B 160 -6.52 13.23 -0.67
CA TYR B 160 -5.94 14.11 -1.68
C TYR B 160 -5.65 15.46 -1.07
N THR B 161 -6.63 16.00 -0.36
CA THR B 161 -6.50 17.31 0.28
C THR B 161 -5.37 17.29 1.29
N ALA B 162 -5.37 16.26 2.14
CA ALA B 162 -4.31 16.11 3.13
C ALA B 162 -2.94 16.08 2.45
N LEU B 163 -2.88 15.49 1.26
CA LEU B 163 -1.65 15.45 0.50
C LEU B 163 -1.35 16.74 -0.24
N VAL B 164 -2.36 17.58 -0.40
CA VAL B 164 -2.16 18.87 -1.02
C VAL B 164 -1.42 19.72 -0.01
N LEU B 165 -1.92 19.65 1.22
CA LEU B 165 -1.33 20.31 2.35
C LEU B 165 0.09 19.82 2.56
N ILE B 166 0.24 18.53 2.81
CA ILE B 166 1.56 18.01 3.10
C ILE B 166 2.43 17.91 1.85
N ASN B 167 2.95 19.06 1.46
CA ASN B 167 3.87 19.13 0.33
C ASN B 167 5.21 19.65 0.83
N ALA B 168 6.22 18.79 0.80
CA ALA B 168 7.55 19.19 1.23
C ALA B 168 8.24 20.03 0.17
N HIS B 169 7.56 20.25 -0.96
CA HIS B 169 8.10 21.13 -1.98
C HIS B 169 7.53 22.55 -1.95
N ARG B 170 6.74 22.88 -0.93
CA ARG B 170 6.31 24.27 -0.77
C ARG B 170 7.50 25.13 -0.38
N PRO B 171 7.77 26.17 -1.16
CA PRO B 171 8.90 27.01 -0.75
C PRO B 171 8.54 27.79 0.51
N GLY B 172 9.50 27.89 1.43
CA GLY B 172 9.31 28.63 2.66
C GLY B 172 9.49 27.80 3.91
N LEU B 173 9.55 26.49 3.74
CA LEU B 173 9.67 25.57 4.86
C LEU B 173 11.07 25.59 5.49
N GLN B 174 11.13 25.27 6.77
CA GLN B 174 12.39 25.21 7.52
C GLN B 174 12.81 23.78 7.79
N GLU B 175 11.99 23.06 8.54
CA GLU B 175 12.25 21.65 8.84
C GLU B 175 11.66 20.75 7.75
N LYS B 176 12.45 20.50 6.71
CA LYS B 176 11.97 19.80 5.52
C LYS B 176 11.76 18.30 5.73
N ARG B 177 12.79 17.59 6.18
CA ARG B 177 12.72 16.15 6.47
C ARG B 177 11.55 15.78 7.38
N LYS B 178 11.11 16.74 8.20
CA LYS B 178 9.99 16.50 9.08
C LYS B 178 8.71 16.44 8.27
N VAL B 179 8.73 17.06 7.09
CA VAL B 179 7.55 17.12 6.24
C VAL B 179 7.44 15.89 5.34
N GLU B 180 8.58 15.51 4.77
CA GLU B 180 8.63 14.38 3.87
C GLU B 180 8.12 13.12 4.52
N GLN B 181 8.54 12.87 5.75
CA GLN B 181 8.15 11.65 6.46
C GLN B 181 6.63 11.60 6.66
N LEU B 182 6.01 12.77 6.75
CA LEU B 182 4.56 12.86 6.89
C LEU B 182 3.92 12.84 5.51
N GLN B 183 4.68 13.30 4.53
CA GLN B 183 4.24 13.21 3.15
C GLN B 183 4.26 11.74 2.73
N TYR B 184 5.32 11.03 3.09
CA TYR B 184 5.46 9.61 2.79
C TYR B 184 4.29 8.81 3.31
N ASN B 185 4.17 8.78 4.64
CA ASN B 185 3.17 7.97 5.30
C ASN B 185 1.77 8.21 4.77
N LEU B 186 1.43 9.46 4.49
CA LEU B 186 0.12 9.76 3.93
C LEU B 186 -0.03 9.20 2.52
N GLU B 187 1.02 9.34 1.71
CA GLU B 187 1.03 8.80 0.36
C GLU B 187 0.90 7.28 0.41
N LEU B 188 1.64 6.67 1.33
CA LEU B 188 1.58 5.24 1.51
C LEU B 188 0.19 4.83 1.95
N ALA B 189 -0.38 5.60 2.88
CA ALA B 189 -1.75 5.35 3.34
C ALA B 189 -2.73 5.59 2.21
N PHE B 190 -2.38 6.51 1.32
CA PHE B 190 -3.26 6.90 0.22
C PHE B 190 -3.56 5.72 -0.70
N HIS B 191 -2.58 5.31 -1.48
CA HIS B 191 -2.75 4.21 -2.44
C HIS B 191 -3.30 2.98 -1.77
N HIS B 192 -2.89 2.77 -0.52
CA HIS B 192 -3.31 1.63 0.27
C HIS B 192 -4.82 1.50 0.32
N HIS B 193 -5.50 2.62 0.54
CA HIS B 193 -6.95 2.61 0.64
C HIS B 193 -7.60 2.62 -0.73
N LEU B 194 -6.85 3.05 -1.74
CA LEU B 194 -7.35 3.04 -3.10
C LEU B 194 -7.37 1.61 -3.67
N CYS B 195 -6.38 0.82 -3.25
CA CYS B 195 -6.35 -0.58 -3.62
C CYS B 195 -7.43 -1.33 -2.85
N LYS B 196 -7.54 -1.03 -1.55
CA LYS B 196 -8.53 -1.68 -0.70
C LYS B 196 -9.97 -1.40 -1.16
N THR B 197 -10.13 -0.38 -2.01
CA THR B 197 -11.43 -0.05 -2.56
C THR B 197 -11.39 -0.13 -4.07
N HIS B 198 -10.24 -0.59 -4.59
CA HIS B 198 -10.06 -0.80 -6.02
C HIS B 198 -10.35 0.47 -6.80
N ARG B 199 -9.73 1.57 -6.38
CA ARG B 199 -9.95 2.85 -7.02
C ARG B 199 -8.66 3.42 -7.61
N GLN B 200 -7.56 2.68 -7.45
CA GLN B 200 -6.24 3.10 -7.91
C GLN B 200 -6.16 3.41 -9.41
N SER B 201 -7.24 3.13 -10.13
CA SER B 201 -7.32 3.41 -11.56
C SER B 201 -7.31 4.92 -11.82
N ILE B 202 -7.89 5.67 -10.90
CA ILE B 202 -8.07 7.11 -11.07
C ILE B 202 -6.77 7.89 -11.10
N LEU B 203 -5.70 7.30 -10.56
CA LEU B 203 -4.41 7.96 -10.43
C LEU B 203 -3.84 8.53 -11.75
N ALA B 204 -4.40 8.12 -12.87
CA ALA B 204 -3.98 8.65 -14.17
C ALA B 204 -5.03 9.59 -14.75
N LYS B 205 -6.26 9.47 -14.25
CA LYS B 205 -7.35 10.35 -14.66
C LYS B 205 -7.32 11.64 -13.85
N LEU B 206 -6.54 11.62 -12.77
CA LEU B 206 -6.41 12.77 -11.89
C LEU B 206 -5.81 13.97 -12.59
N PRO B 207 -6.38 15.16 -12.34
CA PRO B 207 -5.82 16.42 -12.82
C PRO B 207 -4.39 16.57 -12.32
N PRO B 208 -3.50 16.97 -13.23
CA PRO B 208 -2.05 17.00 -13.01
C PRO B 208 -1.67 17.94 -11.88
N LYS B 209 -0.46 17.80 -11.37
CA LYS B 209 0.06 18.80 -10.44
C LYS B 209 0.59 19.95 -11.29
N GLY B 210 0.35 21.18 -10.83
CA GLY B 210 0.73 22.34 -11.61
C GLY B 210 -0.42 22.81 -12.47
N LYS B 211 -1.57 22.15 -12.30
CA LYS B 211 -2.79 22.59 -12.95
C LYS B 211 -3.71 23.24 -11.93
N LEU B 212 -3.85 22.58 -10.78
CA LEU B 212 -4.68 23.08 -9.71
C LEU B 212 -4.00 24.28 -9.07
N ARG B 213 -2.68 24.24 -9.05
CA ARG B 213 -1.91 25.32 -8.44
C ARG B 213 -2.08 26.61 -9.24
N SER B 214 -1.86 26.53 -10.54
CA SER B 214 -1.93 27.69 -11.41
C SER B 214 -3.36 28.14 -11.68
N LEU B 215 -4.31 27.47 -11.04
CA LEU B 215 -5.71 27.83 -11.17
C LEU B 215 -6.13 28.65 -9.97
N CYS B 216 -5.50 28.40 -8.84
CA CYS B 216 -5.78 29.16 -7.61
C CYS B 216 -4.90 30.39 -7.53
N SER B 217 -3.69 30.29 -8.06
CA SER B 217 -2.75 31.40 -8.07
C SER B 217 -3.22 32.51 -9.00
N GLN B 218 -4.30 32.24 -9.73
CA GLN B 218 -4.93 33.24 -10.56
C GLN B 218 -6.20 33.74 -9.87
N HIS B 219 -6.90 32.82 -9.22
CA HIS B 219 -8.08 33.13 -8.42
C HIS B 219 -7.74 34.22 -7.43
N VAL B 220 -6.63 34.04 -6.72
CA VAL B 220 -6.23 34.99 -5.71
C VAL B 220 -5.67 36.24 -6.36
N GLU B 221 -5.18 36.11 -7.58
CA GLU B 221 -4.60 37.24 -8.28
C GLU B 221 -5.67 38.26 -8.66
N ARG B 222 -6.88 37.79 -8.91
CA ARG B 222 -7.97 38.69 -9.24
C ARG B 222 -8.73 39.06 -7.96
N LEU B 223 -8.09 38.85 -6.82
CA LEU B 223 -8.75 39.08 -5.55
C LEU B 223 -7.87 39.88 -4.58
N GLN B 224 -6.56 39.69 -4.67
CA GLN B 224 -5.64 40.44 -3.83
C GLN B 224 -5.68 41.92 -4.20
N ILE B 225 -6.10 42.20 -5.42
CA ILE B 225 -6.29 43.58 -5.87
C ILE B 225 -7.49 44.23 -5.20
N PHE B 226 -8.59 43.48 -5.13
CA PHE B 226 -9.89 44.04 -4.77
C PHE B 226 -10.23 43.96 -3.30
N GLN B 227 -10.61 42.77 -2.87
CA GLN B 227 -10.97 42.54 -1.48
C GLN B 227 -9.83 41.80 -0.79
N HIS B 228 -8.77 42.54 -0.50
CA HIS B 228 -7.60 41.97 0.15
C HIS B 228 -7.79 41.61 1.63
N LEU B 229 -8.95 41.07 2.00
CA LEU B 229 -9.21 40.77 3.42
C LEU B 229 -8.61 39.47 3.97
N HIS B 230 -7.96 38.68 3.13
CA HIS B 230 -7.41 37.42 3.58
C HIS B 230 -6.05 37.60 4.26
N ALA C 5 47.59 -3.23 34.48
CA ALA C 5 48.50 -2.59 33.54
C ALA C 5 48.98 -1.24 34.09
N SER C 6 50.22 -0.88 33.78
CA SER C 6 50.80 0.38 34.25
C SER C 6 50.81 1.46 33.19
N LEU C 7 51.14 2.67 33.61
CA LEU C 7 51.08 3.86 32.76
C LEU C 7 51.84 3.67 31.46
N THR C 8 53.08 3.21 31.59
CA THR C 8 53.93 2.96 30.44
C THR C 8 53.33 1.88 29.55
N GLU C 9 52.53 1.01 30.14
CA GLU C 9 51.91 -0.10 29.42
C GLU C 9 50.55 0.29 28.88
N ILE C 10 49.82 1.06 29.68
CA ILE C 10 48.56 1.64 29.23
C ILE C 10 48.90 2.58 28.09
N GLU C 11 50.11 3.11 28.13
CA GLU C 11 50.64 3.89 27.01
C GLU C 11 50.63 3.04 25.75
N HIS C 12 51.52 2.05 25.69
CA HIS C 12 51.73 1.20 24.51
C HIS C 12 50.45 0.56 23.99
N LEU C 13 49.58 0.16 24.93
CA LEU C 13 48.29 -0.43 24.62
C LEU C 13 47.54 0.43 23.62
N VAL C 14 47.46 1.72 23.93
CA VAL C 14 46.77 2.68 23.07
C VAL C 14 47.56 2.90 21.79
N GLN C 15 48.88 2.85 21.91
CA GLN C 15 49.77 3.13 20.79
C GLN C 15 49.56 2.13 19.67
N SER C 16 49.33 0.89 20.07
CA SER C 16 49.21 -0.22 19.13
C SER C 16 47.86 -0.21 18.40
N VAL C 17 46.78 -0.10 19.17
CA VAL C 17 45.42 -0.13 18.62
C VAL C 17 45.23 0.85 17.46
N CYS C 18 45.99 1.94 17.47
CA CYS C 18 45.88 2.97 16.45
C CYS C 18 46.75 2.63 15.25
N LYS C 19 47.77 1.80 15.48
CA LYS C 19 48.64 1.36 14.41
C LYS C 19 47.90 0.37 13.50
N SER C 20 47.07 -0.48 14.11
CA SER C 20 46.31 -1.49 13.39
C SER C 20 45.34 -0.85 12.40
N TYR C 21 44.38 -0.12 12.95
CA TYR C 21 43.36 0.61 12.21
C TYR C 21 43.92 1.35 10.99
N ARG C 22 45.12 1.87 11.14
CA ARG C 22 45.77 2.69 10.11
C ARG C 22 45.91 1.93 8.79
N GLU C 23 46.46 0.72 8.87
CA GLU C 23 46.69 -0.10 7.69
C GLU C 23 45.40 -0.83 7.27
N THR C 24 44.57 -1.16 8.25
CA THR C 24 43.28 -1.79 7.97
C THR C 24 42.18 -0.75 7.88
N CYS C 25 42.50 0.42 7.34
CA CYS C 25 41.52 1.50 7.26
C CYS C 25 40.64 1.37 6.03
N GLN C 26 40.70 0.21 5.38
CA GLN C 26 40.00 -0.03 4.11
C GLN C 26 40.39 1.03 3.10
N LEU C 27 39.80 2.20 3.24
CA LEU C 27 40.15 3.34 2.42
C LEU C 27 41.00 4.32 3.23
N ARG C 28 42.14 4.70 2.67
CA ARG C 28 42.95 5.73 3.28
C ARG C 28 42.15 7.01 3.35
N LEU C 29 42.00 7.52 4.56
CA LEU C 29 41.28 8.76 4.81
C LEU C 29 41.89 9.86 3.96
N GLU C 30 43.19 9.72 3.76
CA GLU C 30 43.94 10.50 2.78
C GLU C 30 43.14 10.64 1.48
N ASP C 31 42.76 9.51 0.90
CA ASP C 31 42.05 9.51 -0.37
C ASP C 31 40.55 9.71 -0.20
N LEU C 32 40.04 9.29 0.95
CA LEU C 32 38.64 9.46 1.30
C LEU C 32 38.21 10.90 1.12
N LEU C 33 39.05 11.81 1.60
CA LEU C 33 38.78 13.22 1.57
C LEU C 33 39.12 13.78 0.19
N ARG C 34 40.20 13.29 -0.38
CA ARG C 34 40.68 13.79 -1.66
C ARG C 34 39.64 13.54 -2.76
N GLN C 35 38.84 12.50 -2.60
CA GLN C 35 37.85 12.14 -3.60
C GLN C 35 36.48 12.73 -3.29
N ARG C 36 36.44 13.73 -2.41
CA ARG C 36 35.19 14.38 -2.07
C ARG C 36 34.51 15.01 -3.28
N SER C 37 35.30 15.48 -4.23
CA SER C 37 34.76 16.19 -5.40
C SER C 37 34.40 15.25 -6.54
N ASN C 38 34.42 13.95 -6.28
CA ASN C 38 34.06 12.98 -7.30
C ASN C 38 32.66 12.41 -7.05
N ILE C 39 31.69 12.89 -7.82
CA ILE C 39 30.30 12.55 -7.58
C ILE C 39 29.64 11.85 -8.76
N PHE C 40 28.87 10.81 -8.47
CA PHE C 40 28.06 10.16 -9.48
C PHE C 40 27.11 11.15 -10.11
N SER C 41 27.09 11.17 -11.43
CA SER C 41 26.16 12.00 -12.16
C SER C 41 24.76 11.43 -11.98
N ARG C 42 23.76 12.27 -12.20
CA ARG C 42 22.36 11.89 -12.00
C ARG C 42 21.97 10.65 -12.80
N GLU C 43 22.55 10.51 -13.99
CA GLU C 43 22.28 9.34 -14.84
C GLU C 43 22.97 8.13 -14.26
N GLU C 44 24.21 8.30 -13.83
CA GLU C 44 24.92 7.26 -13.10
C GLU C 44 24.08 6.85 -11.90
N VAL C 45 23.51 7.86 -11.24
CA VAL C 45 22.64 7.63 -10.10
C VAL C 45 21.36 6.93 -10.52
N THR C 46 20.71 7.48 -11.54
CA THR C 46 19.47 6.90 -12.05
C THR C 46 19.76 5.50 -12.60
N GLY C 47 20.99 5.29 -13.03
CA GLY C 47 21.45 3.96 -13.40
C GLY C 47 21.43 3.04 -12.20
N TYR C 48 21.96 3.53 -11.08
CA TYR C 48 21.99 2.76 -9.85
C TYR C 48 20.61 2.52 -9.25
N GLN C 49 19.60 3.15 -9.84
CA GLN C 49 18.23 3.02 -9.35
C GLN C 49 17.44 2.03 -10.19
N ARG C 50 17.85 1.86 -11.45
CA ARG C 50 17.20 0.91 -12.35
C ARG C 50 17.34 -0.51 -11.81
N LYS C 51 18.47 -0.81 -11.21
CA LYS C 51 18.79 -2.16 -10.76
C LYS C 51 17.74 -2.70 -9.80
N SER C 52 17.59 -4.02 -9.80
CA SER C 52 16.66 -4.70 -8.93
C SER C 52 17.24 -4.76 -7.52
N MET C 53 16.38 -4.97 -6.53
CA MET C 53 16.80 -5.06 -5.14
C MET C 53 17.82 -6.17 -4.97
N TRP C 54 17.58 -7.29 -5.65
CA TRP C 54 18.45 -8.46 -5.56
C TRP C 54 19.87 -8.13 -5.95
N GLU C 55 20.04 -7.21 -6.89
CA GLU C 55 21.38 -6.83 -7.35
C GLU C 55 22.11 -6.00 -6.31
N MET C 56 21.40 -5.02 -5.76
CA MET C 56 22.01 -4.12 -4.80
C MET C 56 22.55 -4.87 -3.58
N TRP C 57 21.66 -5.61 -2.91
CA TRP C 57 22.05 -6.34 -1.70
C TRP C 57 23.27 -7.20 -1.92
N GLU C 58 23.39 -7.77 -3.11
CA GLU C 58 24.57 -8.51 -3.48
C GLU C 58 25.78 -7.58 -3.57
N ARG C 59 25.63 -6.49 -4.31
CA ARG C 59 26.68 -5.48 -4.42
C ARG C 59 27.01 -4.97 -3.03
N CYS C 60 25.97 -4.75 -2.24
CA CYS C 60 26.12 -4.39 -0.84
C CYS C 60 26.97 -5.42 -0.12
N ALA C 61 26.45 -6.64 -0.06
CA ALA C 61 27.14 -7.73 0.63
C ALA C 61 28.54 -7.97 0.08
N HIS C 62 28.75 -7.67 -1.20
CA HIS C 62 30.07 -7.84 -1.81
C HIS C 62 31.13 -6.98 -1.14
N HIS C 63 30.96 -5.66 -1.21
CA HIS C 63 31.90 -4.73 -0.61
C HIS C 63 31.85 -4.83 0.91
N LEU C 64 30.67 -5.15 1.43
CA LEU C 64 30.47 -5.35 2.85
C LEU C 64 31.36 -6.48 3.35
N THR C 65 31.22 -7.65 2.73
CA THR C 65 32.03 -8.80 3.08
C THR C 65 33.51 -8.51 2.85
N GLU C 66 33.80 -7.78 1.78
CA GLU C 66 35.16 -7.37 1.49
C GLU C 66 35.65 -6.40 2.55
N ALA C 67 34.73 -5.69 3.18
CA ALA C 67 35.08 -4.76 4.25
C ALA C 67 35.39 -5.50 5.52
N ILE C 68 34.45 -6.34 5.92
CA ILE C 68 34.59 -7.15 7.12
C ILE C 68 35.80 -8.05 6.99
N GLN C 69 36.20 -8.30 5.75
CA GLN C 69 37.47 -8.96 5.48
C GLN C 69 38.57 -8.23 6.24
N TYR C 70 38.62 -6.91 6.08
CA TYR C 70 39.62 -6.09 6.76
C TYR C 70 39.41 -6.07 8.26
N VAL C 71 38.18 -5.80 8.67
CA VAL C 71 37.79 -5.68 10.06
C VAL C 71 38.32 -6.79 10.95
N VAL C 72 38.31 -8.01 10.42
CA VAL C 72 38.79 -9.15 11.19
C VAL C 72 40.30 -9.08 11.35
N GLU C 73 40.98 -8.84 10.23
CA GLU C 73 42.44 -8.75 10.24
C GLU C 73 42.91 -7.67 11.20
N PHE C 74 42.15 -6.59 11.27
CA PHE C 74 42.39 -5.54 12.24
C PHE C 74 42.20 -6.09 13.65
N ALA C 75 41.02 -6.64 13.90
CA ALA C 75 40.62 -7.11 15.23
C ALA C 75 41.50 -8.22 15.81
N LYS C 76 42.28 -8.87 14.96
CA LYS C 76 43.10 -9.99 15.42
C LYS C 76 44.33 -9.52 16.21
N ARG C 77 44.96 -8.45 15.73
CA ARG C 77 46.26 -8.01 16.24
C ARG C 77 46.24 -7.37 17.62
N LEU C 78 45.09 -7.45 18.28
CA LEU C 78 44.97 -6.94 19.64
C LEU C 78 45.53 -7.98 20.59
N SER C 79 45.63 -7.60 21.86
CA SER C 79 46.20 -8.50 22.86
C SER C 79 45.14 -8.93 23.87
N GLY C 80 45.16 -10.22 24.22
CA GLY C 80 44.14 -10.82 25.05
C GLY C 80 43.03 -11.36 24.17
N PHE C 81 43.06 -10.93 22.91
CA PHE C 81 42.06 -11.28 21.92
C PHE C 81 42.17 -12.74 21.54
N MET C 82 43.35 -13.10 21.05
CA MET C 82 43.65 -14.45 20.62
C MET C 82 43.42 -15.43 21.76
N GLU C 83 43.95 -15.07 22.92
CA GLU C 83 43.97 -15.93 24.09
C GLU C 83 42.58 -16.27 24.65
N LEU C 84 41.54 -15.79 23.98
CA LEU C 84 40.18 -16.12 24.37
C LEU C 84 39.73 -17.43 23.78
N CYS C 85 38.94 -18.19 24.54
CA CYS C 85 38.43 -19.45 24.03
C CYS C 85 37.59 -19.14 22.80
N GLN C 86 37.69 -20.01 21.79
CA GLN C 86 37.11 -19.75 20.48
C GLN C 86 35.59 -19.62 20.54
N ASN C 87 34.98 -20.25 21.54
CA ASN C 87 33.55 -20.09 21.76
C ASN C 87 33.26 -18.63 22.04
N ASP C 88 33.93 -18.09 23.06
CA ASP C 88 33.75 -16.70 23.45
C ASP C 88 34.54 -15.77 22.56
N GLN C 89 35.53 -16.31 21.87
CA GLN C 89 36.32 -15.49 20.96
C GLN C 89 35.52 -15.16 19.73
N ILE C 90 34.37 -15.79 19.57
CA ILE C 90 33.56 -15.62 18.37
C ILE C 90 32.19 -14.98 18.64
N VAL C 91 31.60 -15.27 19.81
CA VAL C 91 30.30 -14.70 20.17
C VAL C 91 30.29 -13.19 19.95
N LEU C 92 31.39 -12.55 20.31
CA LEU C 92 31.54 -11.11 20.13
C LEU C 92 31.76 -10.79 18.66
N LEU C 93 32.74 -11.47 18.06
CA LEU C 93 33.16 -11.17 16.70
C LEU C 93 32.02 -11.29 15.72
N LYS C 94 31.03 -12.10 16.10
CA LYS C 94 29.85 -12.28 15.27
C LYS C 94 28.82 -11.20 15.57
N ALA C 95 28.50 -11.03 16.85
CA ALA C 95 27.50 -10.07 17.27
C ALA C 95 28.02 -8.64 17.23
N GLY C 96 29.34 -8.49 17.14
CA GLY C 96 29.96 -7.20 17.29
C GLY C 96 30.49 -6.56 16.01
N ALA C 97 30.95 -7.37 15.08
CA ALA C 97 31.62 -6.87 13.88
C ALA C 97 30.76 -5.90 13.05
N MET C 98 29.46 -6.17 12.97
CA MET C 98 28.58 -5.35 12.16
C MET C 98 28.44 -3.96 12.77
N GLU C 99 28.29 -3.92 14.08
CA GLU C 99 28.28 -2.67 14.83
C GLU C 99 29.57 -1.89 14.57
N VAL C 100 30.68 -2.61 14.47
CA VAL C 100 31.97 -1.99 14.23
C VAL C 100 32.07 -1.38 12.84
N VAL C 101 31.60 -2.10 11.84
CA VAL C 101 31.66 -1.63 10.46
C VAL C 101 30.85 -0.36 10.27
N LEU C 102 29.67 -0.33 10.89
CA LEU C 102 28.79 0.84 10.83
C LEU C 102 29.53 2.09 11.26
N VAL C 103 30.29 1.97 12.35
CA VAL C 103 31.10 3.06 12.83
C VAL C 103 32.15 3.45 11.82
N ARG C 104 32.88 2.45 11.33
CA ARG C 104 34.01 2.68 10.42
C ARG C 104 33.62 3.37 9.14
N MET C 105 32.32 3.52 8.91
CA MET C 105 31.83 4.13 7.68
C MET C 105 31.58 5.64 7.81
N CYS C 106 31.67 6.16 9.04
CA CYS C 106 31.48 7.59 9.26
C CYS C 106 32.53 8.41 8.55
N ARG C 107 33.68 7.80 8.27
CA ARG C 107 34.74 8.46 7.51
C ARG C 107 34.26 8.66 6.09
N ALA C 108 33.53 7.69 5.58
CA ALA C 108 33.02 7.72 4.22
C ALA C 108 31.93 8.77 4.12
N TYR C 109 31.43 9.18 5.27
CA TYR C 109 30.40 10.20 5.29
C TYR C 109 31.01 11.56 5.09
N ASN C 110 30.60 12.21 4.01
CA ASN C 110 30.92 13.59 3.81
C ASN C 110 29.72 14.42 4.25
N ALA C 111 29.76 14.90 5.48
CA ALA C 111 28.60 15.59 6.05
C ALA C 111 28.29 16.92 5.36
N ASP C 112 29.25 17.41 4.59
CA ASP C 112 29.08 18.68 3.87
C ASP C 112 28.00 18.61 2.78
N ASN C 113 27.62 17.40 2.39
CA ASN C 113 26.58 17.21 1.38
C ASN C 113 25.63 16.04 1.65
N ARG C 114 25.78 15.42 2.82
CA ARG C 114 24.98 14.27 3.20
C ARG C 114 25.08 13.13 2.18
N THR C 115 26.30 12.88 1.70
CA THR C 115 26.55 11.80 0.74
C THR C 115 27.59 10.80 1.24
N VAL C 116 27.65 9.66 0.56
CA VAL C 116 28.50 8.57 0.99
C VAL C 116 29.30 8.00 -0.18
N PHE C 117 30.45 7.42 0.13
CA PHE C 117 31.34 6.87 -0.87
C PHE C 117 31.03 5.41 -1.14
N PHE C 118 30.48 5.15 -2.31
CA PHE C 118 30.06 3.81 -2.69
C PHE C 118 30.60 3.47 -4.06
N GLU C 119 31.61 2.63 -4.10
CA GLU C 119 32.21 2.18 -5.35
C GLU C 119 32.74 3.32 -6.22
N GLY C 120 33.77 4.01 -5.73
CA GLY C 120 34.52 4.90 -6.57
C GLY C 120 34.16 6.37 -6.54
N LYS C 121 32.91 6.69 -6.24
CA LYS C 121 32.51 8.09 -6.08
C LYS C 121 31.68 8.31 -4.82
N TYR C 122 31.29 9.56 -4.59
CA TYR C 122 30.39 9.89 -3.48
C TYR C 122 28.98 10.07 -4.01
N GLY C 123 28.00 9.49 -3.31
CA GLY C 123 26.61 9.58 -3.70
C GLY C 123 25.70 9.53 -2.49
N GLY C 124 24.51 10.10 -2.61
CA GLY C 124 23.62 10.25 -1.47
C GLY C 124 22.79 9.03 -1.18
N MET C 125 21.80 9.18 -0.30
CA MET C 125 20.97 8.05 0.09
C MET C 125 19.95 7.69 -0.99
N GLU C 126 20.02 8.39 -2.11
CA GLU C 126 19.15 8.12 -3.25
C GLU C 126 19.78 7.08 -4.17
N LEU C 127 21.05 6.80 -3.91
CA LEU C 127 21.80 5.81 -4.67
C LEU C 127 21.33 4.41 -4.30
N PHE C 128 20.43 4.34 -3.34
CA PHE C 128 19.96 3.07 -2.82
C PHE C 128 18.44 3.07 -2.67
N ARG C 129 17.77 3.70 -3.63
CA ARG C 129 16.31 3.75 -3.62
C ARG C 129 15.72 2.37 -3.82
N ALA C 130 16.41 1.54 -4.59
CA ALA C 130 15.90 0.24 -5.01
C ALA C 130 15.65 -0.74 -3.85
N LEU C 131 16.14 -0.40 -2.66
CA LEU C 131 16.03 -1.28 -1.50
C LEU C 131 14.74 -1.11 -0.72
N GLY C 132 13.92 -0.16 -1.15
CA GLY C 132 12.57 0.01 -0.63
C GLY C 132 12.45 0.28 0.86
N CYS C 133 13.50 0.81 1.45
CA CYS C 133 13.51 1.13 2.87
C CYS C 133 14.29 2.41 3.11
N SER C 134 13.91 3.46 2.37
CA SER C 134 14.55 4.77 2.47
C SER C 134 14.68 5.25 3.91
N GLU C 135 13.71 4.88 4.74
CA GLU C 135 13.69 5.26 6.14
C GLU C 135 14.92 4.75 6.85
N LEU C 136 15.12 3.44 6.83
CA LEU C 136 16.26 2.83 7.49
C LEU C 136 17.55 3.41 6.95
N ILE C 137 17.56 3.68 5.65
CA ILE C 137 18.72 4.26 5.00
C ILE C 137 19.10 5.60 5.60
N SER C 138 18.14 6.53 5.62
CA SER C 138 18.33 7.81 6.26
C SER C 138 18.67 7.61 7.72
N SER C 139 17.98 6.67 8.36
CA SER C 139 18.19 6.37 9.78
C SER C 139 19.66 6.09 10.05
N ILE C 140 20.32 5.48 9.07
CA ILE C 140 21.74 5.20 9.15
C ILE C 140 22.54 6.45 8.83
N PHE C 141 22.13 7.15 7.79
CA PHE C 141 22.69 8.45 7.47
C PHE C 141 22.60 9.35 8.69
N ASP C 142 21.43 9.35 9.32
CA ASP C 142 21.18 10.13 10.51
C ASP C 142 22.17 9.75 11.58
N PHE C 143 22.45 8.46 11.66
CA PHE C 143 23.45 7.98 12.60
C PHE C 143 24.82 8.51 12.26
N SER C 144 25.28 8.24 11.04
CA SER C 144 26.64 8.58 10.63
C SER C 144 26.87 10.08 10.71
N HIS C 145 25.80 10.85 10.68
CA HIS C 145 25.86 12.29 10.82
C HIS C 145 26.25 12.66 12.24
N SER C 146 25.57 12.05 13.19
CA SER C 146 25.79 12.33 14.60
C SER C 146 27.19 11.97 15.08
N LEU C 147 28.01 11.44 14.19
CA LEU C 147 29.40 11.17 14.51
C LEU C 147 30.32 11.99 13.63
N SER C 148 29.80 12.38 12.48
CA SER C 148 30.53 13.26 11.59
C SER C 148 30.53 14.65 12.21
N ALA C 149 29.56 14.87 13.09
CA ALA C 149 29.46 16.12 13.84
C ALA C 149 30.46 16.12 14.98
N LEU C 150 30.72 14.94 15.56
CA LEU C 150 31.68 14.81 16.62
C LEU C 150 33.10 14.88 16.08
N HIS C 151 33.20 14.91 14.74
CA HIS C 151 34.48 14.96 14.06
C HIS C 151 35.40 13.91 14.62
N PHE C 152 34.95 12.66 14.53
CA PHE C 152 35.70 11.54 15.03
C PHE C 152 37.09 11.49 14.41
N SER C 153 38.09 11.22 15.23
CA SER C 153 39.45 11.09 14.73
C SER C 153 39.77 9.61 14.52
N GLU C 154 40.77 9.35 13.68
CA GLU C 154 41.18 7.99 13.37
C GLU C 154 41.45 7.18 14.63
N ASP C 155 42.10 7.81 15.59
CA ASP C 155 42.46 7.13 16.82
C ASP C 155 41.25 6.98 17.74
N GLU C 156 40.27 7.86 17.58
CA GLU C 156 39.04 7.80 18.36
C GLU C 156 38.18 6.62 17.93
N ILE C 157 38.01 6.50 16.62
CA ILE C 157 37.21 5.43 16.04
C ILE C 157 37.75 4.09 16.46
N ALA C 158 39.06 3.91 16.28
CA ALA C 158 39.74 2.67 16.60
C ALA C 158 39.45 2.25 18.04
N LEU C 159 39.75 3.14 18.97
CA LEU C 159 39.64 2.83 20.39
C LEU C 159 38.19 2.66 20.85
N TYR C 160 37.27 3.29 20.12
CA TYR C 160 35.86 3.10 20.42
C TYR C 160 35.38 1.76 19.88
N THR C 161 35.72 1.48 18.62
CA THR C 161 35.37 0.22 17.99
C THR C 161 36.02 -0.94 18.73
N ALA C 162 37.19 -0.68 19.31
CA ALA C 162 37.89 -1.68 20.09
C ALA C 162 37.23 -1.93 21.44
N LEU C 163 36.03 -1.37 21.62
CA LEU C 163 35.29 -1.53 22.87
C LEU C 163 33.87 -1.97 22.57
N VAL C 164 33.53 -1.93 21.29
CA VAL C 164 32.25 -2.41 20.84
C VAL C 164 32.26 -3.91 20.91
N LEU C 165 33.32 -4.47 20.33
CA LEU C 165 33.53 -5.90 20.28
C LEU C 165 33.62 -6.46 21.69
N ILE C 166 34.54 -5.90 22.48
CA ILE C 166 34.82 -6.39 23.81
C ILE C 166 33.67 -6.13 24.76
N ASN C 167 32.54 -6.79 24.51
CA ASN C 167 31.36 -6.63 25.33
C ASN C 167 31.10 -7.90 26.15
N ALA C 168 31.33 -7.79 27.47
CA ALA C 168 31.11 -8.93 28.36
C ALA C 168 29.63 -9.10 28.67
N HIS C 169 28.80 -8.22 28.14
CA HIS C 169 27.36 -8.37 28.29
C HIS C 169 26.74 -9.12 27.11
N ARG C 170 27.55 -9.48 26.11
CA ARG C 170 27.05 -10.33 25.04
C ARG C 170 26.63 -11.66 25.63
N PRO C 171 25.34 -11.99 25.53
CA PRO C 171 24.94 -13.27 26.12
C PRO C 171 25.55 -14.41 25.33
N GLY C 172 25.80 -15.53 26.00
CA GLY C 172 26.40 -16.68 25.37
C GLY C 172 27.90 -16.72 25.57
N LEU C 173 28.35 -16.22 26.72
CA LEU C 173 29.77 -16.21 27.05
C LEU C 173 30.09 -17.14 28.21
N GLN C 174 31.17 -17.89 28.09
CA GLN C 174 31.51 -18.92 29.07
C GLN C 174 32.79 -18.59 29.83
N GLU C 175 33.55 -17.63 29.31
CA GLU C 175 34.69 -17.08 30.04
C GLU C 175 34.40 -15.62 30.38
N LYS C 176 33.31 -15.41 31.11
CA LYS C 176 32.87 -14.05 31.41
C LYS C 176 33.86 -13.28 32.28
N ARG C 177 34.34 -13.91 33.34
CA ARG C 177 35.33 -13.28 34.21
C ARG C 177 36.72 -13.23 33.57
N LYS C 178 36.81 -13.67 32.32
CA LYS C 178 38.03 -13.52 31.55
C LYS C 178 37.86 -12.37 30.57
N VAL C 179 36.63 -12.23 30.08
CA VAL C 179 36.29 -11.16 29.13
C VAL C 179 36.28 -9.81 29.81
N GLU C 180 35.75 -9.78 31.04
CA GLU C 180 35.66 -8.55 31.81
C GLU C 180 36.99 -7.85 31.90
N GLN C 181 38.04 -8.62 32.17
CA GLN C 181 39.37 -8.06 32.38
C GLN C 181 39.88 -7.29 31.16
N LEU C 182 39.57 -7.79 29.98
CA LEU C 182 40.07 -7.18 28.76
C LEU C 182 39.23 -5.98 28.39
N GLN C 183 37.98 -5.99 28.85
CA GLN C 183 37.08 -4.86 28.65
C GLN C 183 37.55 -3.68 29.48
N TYR C 184 37.77 -3.94 30.78
CA TYR C 184 38.15 -2.90 31.73
C TYR C 184 39.40 -2.15 31.32
N ASN C 185 40.43 -2.91 30.94
CA ASN C 185 41.71 -2.34 30.55
C ASN C 185 41.65 -1.69 29.18
N LEU C 186 40.48 -1.75 28.56
CA LEU C 186 40.24 -1.03 27.33
C LEU C 186 39.41 0.21 27.59
N GLU C 187 38.45 0.08 28.51
CA GLU C 187 37.68 1.23 28.96
C GLU C 187 38.62 2.24 29.60
N LEU C 188 39.45 1.74 30.52
CA LEU C 188 40.42 2.58 31.21
C LEU C 188 41.38 3.23 30.22
N ALA C 189 41.93 2.42 29.34
CA ALA C 189 42.87 2.89 28.32
C ALA C 189 42.22 3.97 27.46
N PHE C 190 40.95 3.77 27.16
CA PHE C 190 40.20 4.72 26.34
C PHE C 190 40.08 6.05 27.07
N HIS C 191 39.43 6.01 28.23
CA HIS C 191 39.19 7.20 29.01
C HIS C 191 40.48 7.95 29.31
N HIS C 192 41.43 7.24 29.89
CA HIS C 192 42.69 7.83 30.33
C HIS C 192 43.46 8.49 29.18
N HIS C 193 43.04 8.21 27.94
CA HIS C 193 43.64 8.89 26.80
C HIS C 193 42.77 10.03 26.30
N LEU C 194 41.47 9.92 26.51
CA LEU C 194 40.56 11.00 26.16
C LEU C 194 40.87 12.22 27.03
N CYS C 195 41.22 11.95 28.28
CA CYS C 195 41.61 12.99 29.22
C CYS C 195 42.83 13.70 28.69
N LYS C 196 43.86 12.93 28.36
CA LYS C 196 45.12 13.51 27.89
C LYS C 196 44.95 14.27 26.57
N THR C 197 43.76 14.21 26.00
CA THR C 197 43.41 14.97 24.81
C THR C 197 42.25 15.92 25.07
N HIS C 198 41.61 15.74 26.23
CA HIS C 198 40.53 16.63 26.67
C HIS C 198 39.32 16.56 25.74
N ARG C 199 39.05 15.37 25.23
CA ARG C 199 37.91 15.15 24.35
C ARG C 199 36.75 14.53 25.10
N GLN C 200 36.89 14.44 26.42
CA GLN C 200 35.91 13.78 27.27
C GLN C 200 34.51 14.36 27.13
N SER C 201 34.42 15.52 26.49
CA SER C 201 33.13 16.12 26.20
C SER C 201 32.27 15.19 25.33
N ILE C 202 32.91 14.34 24.55
CA ILE C 202 32.18 13.41 23.69
C ILE C 202 31.53 12.26 24.48
N LEU C 203 32.02 12.01 25.69
CA LEU C 203 31.51 10.91 26.52
C LEU C 203 30.05 11.04 26.91
N ALA C 204 29.40 12.11 26.47
CA ALA C 204 27.97 12.25 26.63
C ALA C 204 27.35 12.52 25.26
N LYS C 205 28.20 12.90 24.31
CA LYS C 205 27.77 13.13 22.94
C LYS C 205 27.70 11.82 22.16
N LEU C 206 28.27 10.78 22.75
CA LEU C 206 28.31 9.46 22.13
C LEU C 206 26.93 8.93 21.80
N PRO C 207 26.82 8.17 20.70
CA PRO C 207 25.57 7.52 20.31
C PRO C 207 25.14 6.54 21.38
N PRO C 208 23.84 6.48 21.66
CA PRO C 208 23.23 5.69 22.72
C PRO C 208 23.71 4.24 22.72
N LYS C 209 23.91 3.67 23.91
CA LYS C 209 24.32 2.28 24.03
C LYS C 209 23.11 1.38 23.75
N GLY C 210 23.01 0.92 22.51
CA GLY C 210 21.87 0.11 22.10
C GLY C 210 21.44 0.49 20.71
N LYS C 211 21.49 1.79 20.40
CA LYS C 211 21.17 2.28 19.08
C LYS C 211 22.11 1.65 18.06
N LEU C 212 23.36 1.51 18.46
CA LEU C 212 24.37 0.91 17.61
C LEU C 212 23.97 -0.53 17.35
N ARG C 213 23.47 -1.18 18.39
CA ARG C 213 22.98 -2.54 18.24
C ARG C 213 21.66 -2.53 17.47
N SER C 214 20.71 -1.70 17.92
CA SER C 214 19.37 -1.69 17.36
C SER C 214 19.25 -1.15 15.93
N LEU C 215 20.38 -0.78 15.33
CA LEU C 215 20.34 -0.33 13.96
C LEU C 215 20.95 -1.42 13.10
N CYS C 216 22.03 -2.01 13.60
CA CYS C 216 22.68 -3.12 12.92
C CYS C 216 21.79 -4.35 12.97
N SER C 217 21.05 -4.49 14.08
CA SER C 217 20.11 -5.58 14.24
C SER C 217 18.96 -5.42 13.27
N GLN C 218 18.70 -4.18 12.89
CA GLN C 218 17.65 -3.90 11.92
C GLN C 218 18.24 -3.98 10.53
N HIS C 219 19.56 -3.86 10.45
CA HIS C 219 20.28 -3.88 9.19
C HIS C 219 20.40 -5.30 8.66
N VAL C 220 20.37 -6.28 9.56
CA VAL C 220 20.53 -7.68 9.19
C VAL C 220 19.19 -8.33 8.88
N GLU C 221 18.13 -7.87 9.52
CA GLU C 221 16.81 -8.44 9.29
C GLU C 221 16.34 -8.24 7.86
N ARG C 222 16.30 -6.98 7.41
CA ARG C 222 15.88 -6.72 6.04
C ARG C 222 16.97 -7.07 5.04
N LEU C 223 18.00 -7.75 5.51
CA LEU C 223 19.02 -8.35 4.65
C LEU C 223 18.90 -9.86 4.72
N GLN C 224 18.37 -10.36 5.85
CA GLN C 224 18.24 -11.79 6.09
C GLN C 224 17.32 -12.44 5.07
N ILE C 225 16.51 -11.64 4.38
CA ILE C 225 15.55 -12.18 3.44
C ILE C 225 16.18 -12.33 2.06
N PHE C 226 17.40 -11.83 1.90
CA PHE C 226 17.98 -11.68 0.57
C PHE C 226 19.29 -12.43 0.39
N GLN C 227 19.97 -12.65 1.50
CA GLN C 227 21.29 -13.26 1.49
C GLN C 227 21.67 -13.44 2.94
N HIS C 228 22.25 -14.58 3.25
CA HIS C 228 22.66 -14.86 4.61
C HIS C 228 24.16 -15.09 4.68
N LEU C 229 24.93 -14.01 4.62
CA LEU C 229 26.38 -14.12 4.61
C LEU C 229 27.01 -13.65 5.92
N HIS C 230 27.35 -14.61 6.77
CA HIS C 230 28.07 -14.33 8.02
C HIS C 230 29.50 -14.85 7.93
N PRO C 231 30.43 -14.00 7.46
CA PRO C 231 31.83 -14.39 7.32
C PRO C 231 32.43 -14.70 8.68
N ILE C 232 33.29 -15.72 8.74
CA ILE C 232 34.02 -16.04 9.97
C ILE C 232 35.49 -16.30 9.67
N ALA D 5 -4.69 -9.12 6.09
CA ALA D 5 -3.39 -9.54 5.59
C ALA D 5 -2.24 -9.01 6.45
N SER D 6 -1.02 -9.36 6.08
CA SER D 6 0.16 -8.93 6.81
C SER D 6 1.07 -8.05 5.96
N LEU D 7 1.78 -7.14 6.61
CA LEU D 7 2.69 -6.25 5.91
C LEU D 7 3.84 -7.04 5.31
N THR D 8 4.25 -8.09 6.00
CA THR D 8 5.30 -8.96 5.52
C THR D 8 4.79 -9.70 4.28
N GLU D 9 3.52 -10.07 4.30
CA GLU D 9 2.87 -10.75 3.18
C GLU D 9 2.88 -9.89 1.93
N ILE D 10 2.50 -8.64 2.10
CA ILE D 10 2.51 -7.67 1.02
C ILE D 10 3.95 -7.48 0.55
N GLU D 11 4.88 -7.60 1.49
CA GLU D 11 6.30 -7.51 1.14
C GLU D 11 6.78 -8.83 0.54
N HIS D 12 6.25 -9.93 1.06
CA HIS D 12 6.55 -11.28 0.55
C HIS D 12 6.27 -11.34 -0.94
N LEU D 13 5.04 -10.99 -1.30
CA LEU D 13 4.56 -11.02 -2.67
C LEU D 13 5.49 -10.21 -3.57
N VAL D 14 5.81 -9.00 -3.12
CA VAL D 14 6.71 -8.12 -3.84
C VAL D 14 8.03 -8.81 -4.11
N GLN D 15 8.73 -9.17 -3.04
CA GLN D 15 10.02 -9.82 -3.14
C GLN D 15 9.94 -11.10 -3.96
N SER D 16 8.81 -11.81 -3.84
CA SER D 16 8.59 -13.05 -4.59
C SER D 16 8.54 -12.78 -6.09
N VAL D 17 7.65 -11.88 -6.49
CA VAL D 17 7.50 -11.50 -7.87
C VAL D 17 8.83 -10.99 -8.43
N CYS D 18 9.60 -10.29 -7.60
CA CYS D 18 10.89 -9.77 -8.01
C CYS D 18 11.88 -10.91 -8.26
N LYS D 19 11.85 -11.90 -7.38
CA LYS D 19 12.68 -13.08 -7.58
C LYS D 19 12.27 -13.79 -8.86
N SER D 20 10.97 -13.89 -9.09
CA SER D 20 10.43 -14.60 -10.25
C SER D 20 10.94 -14.01 -11.56
N TYR D 21 10.89 -12.69 -11.66
CA TYR D 21 11.40 -11.99 -12.81
C TYR D 21 12.91 -12.20 -12.91
N ARG D 22 13.58 -12.15 -11.76
CA ARG D 22 15.03 -12.29 -11.71
C ARG D 22 15.46 -13.65 -12.27
N GLU D 23 14.52 -14.58 -12.31
CA GLU D 23 14.74 -15.92 -12.84
C GLU D 23 14.39 -16.01 -14.32
N THR D 24 13.25 -15.42 -14.69
CA THR D 24 12.79 -15.44 -16.07
C THR D 24 13.22 -14.19 -16.83
N CYS D 25 14.27 -13.54 -16.36
CA CYS D 25 14.74 -12.28 -16.93
C CYS D 25 15.22 -12.41 -18.37
N GLN D 26 15.53 -13.64 -18.78
CA GLN D 26 15.96 -13.95 -20.14
C GLN D 26 17.27 -13.24 -20.51
N LEU D 27 17.20 -11.93 -20.70
CA LEU D 27 18.36 -11.15 -21.12
C LEU D 27 19.08 -10.50 -19.93
N ARG D 28 20.39 -10.32 -20.07
CA ARG D 28 21.17 -9.65 -19.05
C ARG D 28 21.29 -8.16 -19.35
N LEU D 29 20.78 -7.35 -18.44
CA LEU D 29 20.71 -5.91 -18.62
C LEU D 29 22.10 -5.30 -18.79
N GLU D 30 23.07 -5.89 -18.10
CA GLU D 30 24.44 -5.44 -18.21
C GLU D 30 24.90 -5.48 -19.65
N ASP D 31 24.90 -6.68 -20.22
CA ASP D 31 25.31 -6.91 -21.59
C ASP D 31 24.43 -6.11 -22.54
N LEU D 32 23.17 -6.01 -22.16
CA LEU D 32 22.18 -5.28 -22.93
C LEU D 32 22.64 -3.86 -23.22
N LEU D 33 23.05 -3.17 -22.17
CA LEU D 33 23.47 -1.79 -22.29
C LEU D 33 24.93 -1.72 -22.67
N ARG D 34 25.64 -2.82 -22.46
CA ARG D 34 27.04 -2.87 -22.81
C ARG D 34 27.21 -2.94 -24.32
N GLN D 35 26.24 -3.57 -24.99
CA GLN D 35 26.31 -3.74 -26.43
C GLN D 35 25.71 -2.56 -27.18
N ARG D 36 25.38 -1.50 -26.44
CA ARG D 36 24.85 -0.29 -27.05
C ARG D 36 25.85 0.31 -28.02
N SER D 37 27.12 -0.06 -27.86
CA SER D 37 28.18 0.32 -28.78
C SER D 37 27.99 -0.39 -30.11
N ASN D 38 27.66 -1.67 -30.05
CA ASN D 38 27.53 -2.47 -31.25
C ASN D 38 26.34 -2.07 -32.11
N ILE D 39 26.65 -1.56 -33.30
CA ILE D 39 25.63 -1.03 -34.20
C ILE D 39 25.83 -1.55 -35.62
N PHE D 40 24.73 -1.87 -36.29
CA PHE D 40 24.78 -2.30 -37.68
C PHE D 40 25.28 -1.18 -38.58
N SER D 41 26.30 -1.50 -39.36
CA SER D 41 26.78 -0.58 -40.38
C SER D 41 25.69 -0.44 -41.42
N ARG D 42 25.78 0.59 -42.26
CA ARG D 42 24.77 0.80 -43.29
C ARG D 42 24.76 -0.28 -44.36
N GLU D 43 25.64 -1.28 -44.19
CA GLU D 43 25.74 -2.40 -45.12
C GLU D 43 25.18 -3.67 -44.50
N GLU D 44 25.50 -3.90 -43.23
CA GLU D 44 24.92 -5.01 -42.50
C GLU D 44 23.42 -4.80 -42.40
N VAL D 45 23.03 -3.52 -42.36
CA VAL D 45 21.63 -3.14 -42.41
C VAL D 45 21.04 -3.58 -43.73
N THR D 46 21.78 -3.31 -44.81
CA THR D 46 21.33 -3.62 -46.16
C THR D 46 21.07 -5.11 -46.34
N GLY D 47 21.79 -5.91 -45.57
CA GLY D 47 21.56 -7.35 -45.55
C GLY D 47 20.12 -7.68 -45.22
N TYR D 48 19.67 -7.19 -44.07
CA TYR D 48 18.30 -7.40 -43.61
C TYR D 48 17.28 -6.74 -44.54
N GLN D 49 17.76 -5.78 -45.30
CA GLN D 49 16.91 -5.04 -46.22
C GLN D 49 16.68 -5.80 -47.51
N ARG D 50 17.75 -6.45 -48.00
CA ARG D 50 17.66 -7.27 -49.19
C ARG D 50 16.62 -8.38 -48.99
N LYS D 51 16.50 -8.84 -47.75
CA LYS D 51 15.69 -10.01 -47.44
C LYS D 51 14.21 -9.89 -47.80
N SER D 52 13.49 -10.99 -47.61
CA SER D 52 12.06 -11.05 -47.83
C SER D 52 11.34 -10.86 -46.50
N MET D 53 10.09 -10.42 -46.57
CA MET D 53 9.27 -10.25 -45.38
C MET D 53 9.09 -11.58 -44.67
N TRP D 54 8.73 -12.61 -45.45
CA TRP D 54 8.56 -13.96 -44.94
C TRP D 54 9.75 -14.40 -44.11
N GLU D 55 10.95 -14.06 -44.57
CA GLU D 55 12.16 -14.37 -43.83
C GLU D 55 12.25 -13.58 -42.52
N MET D 56 12.10 -12.26 -42.58
CA MET D 56 12.15 -11.47 -41.36
C MET D 56 11.03 -11.85 -40.41
N TRP D 57 9.83 -12.07 -40.94
CA TRP D 57 8.70 -12.50 -40.13
C TRP D 57 8.99 -13.80 -39.43
N GLU D 58 9.79 -14.62 -40.08
CA GLU D 58 10.19 -15.90 -39.53
C GLU D 58 11.16 -15.68 -38.38
N ARG D 59 12.26 -14.99 -38.66
CA ARG D 59 13.31 -14.76 -37.68
C ARG D 59 12.74 -14.13 -36.43
N CYS D 60 11.84 -13.19 -36.62
CA CYS D 60 11.17 -12.50 -35.53
C CYS D 60 10.34 -13.48 -34.72
N ALA D 61 9.39 -14.14 -35.39
CA ALA D 61 8.52 -15.10 -34.74
C ALA D 61 9.30 -16.17 -34.00
N HIS D 62 10.50 -16.47 -34.48
CA HIS D 62 11.38 -17.39 -33.78
C HIS D 62 11.71 -16.86 -32.39
N HIS D 63 12.42 -15.75 -32.33
CA HIS D 63 12.80 -15.13 -31.06
C HIS D 63 11.55 -14.79 -30.29
N LEU D 64 10.54 -14.33 -31.01
CA LEU D 64 9.29 -13.90 -30.42
C LEU D 64 8.66 -15.01 -29.61
N THR D 65 8.20 -16.04 -30.32
CA THR D 65 7.59 -17.19 -29.67
C THR D 65 8.51 -17.80 -28.62
N GLU D 66 9.82 -17.68 -28.84
CA GLU D 66 10.81 -18.16 -27.88
C GLU D 66 10.69 -17.46 -26.54
N ALA D 67 10.70 -16.13 -26.59
CA ALA D 67 10.70 -15.32 -25.38
C ALA D 67 9.40 -15.42 -24.61
N ILE D 68 8.31 -15.63 -25.35
CA ILE D 68 6.98 -15.69 -24.75
C ILE D 68 6.88 -16.85 -23.76
N GLN D 69 7.74 -17.84 -23.93
CA GLN D 69 7.78 -18.97 -23.03
C GLN D 69 8.13 -18.56 -21.61
N TYR D 70 8.95 -17.52 -21.48
CA TYR D 70 9.39 -17.04 -20.18
C TYR D 70 8.24 -16.44 -19.39
N VAL D 71 7.35 -15.78 -20.10
CA VAL D 71 6.19 -15.12 -19.51
C VAL D 71 5.31 -16.12 -18.78
N VAL D 72 5.14 -17.27 -19.40
CA VAL D 72 4.23 -18.30 -18.90
C VAL D 72 4.70 -18.91 -17.58
N GLU D 73 5.98 -19.27 -17.52
CA GLU D 73 6.53 -19.86 -16.31
C GLU D 73 6.61 -18.80 -15.22
N PHE D 74 6.88 -17.58 -15.63
CA PHE D 74 6.79 -16.46 -14.72
C PHE D 74 5.38 -16.44 -14.15
N ALA D 75 4.38 -16.64 -15.02
CA ALA D 75 2.99 -16.67 -14.61
C ALA D 75 2.66 -17.82 -13.67
N LYS D 76 3.30 -18.96 -13.89
CA LYS D 76 3.10 -20.12 -13.03
C LYS D 76 3.62 -19.85 -11.63
N ARG D 77 4.73 -19.12 -11.56
CA ARG D 77 5.36 -18.79 -10.28
C ARG D 77 4.60 -17.74 -9.51
N LEU D 78 3.70 -17.05 -10.21
CA LEU D 78 2.80 -16.14 -9.55
C LEU D 78 1.85 -16.96 -8.70
N SER D 79 1.71 -16.56 -7.44
CA SER D 79 0.93 -17.32 -6.48
C SER D 79 -0.55 -17.38 -6.84
N GLY D 80 -1.11 -18.57 -6.78
CA GLY D 80 -2.53 -18.78 -7.03
C GLY D 80 -2.86 -19.09 -8.48
N PHE D 81 -1.85 -18.95 -9.33
CA PHE D 81 -2.05 -19.17 -10.77
C PHE D 81 -2.18 -20.65 -11.09
N MET D 82 -1.40 -21.47 -10.38
CA MET D 82 -1.46 -22.91 -10.53
C MET D 82 -2.86 -23.41 -10.15
N GLU D 83 -3.39 -22.87 -9.06
CA GLU D 83 -4.69 -23.30 -8.54
C GLU D 83 -5.84 -23.03 -9.50
N LEU D 84 -5.63 -22.11 -10.43
CA LEU D 84 -6.60 -21.85 -11.48
C LEU D 84 -6.79 -23.11 -12.28
N CYS D 85 -7.98 -23.28 -12.85
CA CYS D 85 -8.19 -24.40 -13.75
C CYS D 85 -7.28 -24.17 -14.94
N GLN D 86 -6.84 -25.27 -15.56
CA GLN D 86 -5.87 -25.22 -16.63
C GLN D 86 -6.28 -24.27 -17.75
N ASN D 87 -7.57 -24.27 -18.07
CA ASN D 87 -8.10 -23.35 -19.05
C ASN D 87 -7.78 -21.92 -18.66
N ASP D 88 -8.18 -21.55 -17.43
CA ASP D 88 -7.90 -20.24 -16.88
C ASP D 88 -6.41 -20.00 -16.80
N GLN D 89 -5.65 -21.08 -16.61
CA GLN D 89 -4.21 -20.96 -16.56
C GLN D 89 -3.63 -20.64 -17.92
N ILE D 90 -4.47 -20.58 -18.94
CA ILE D 90 -4.00 -20.31 -20.29
C ILE D 90 -4.74 -19.13 -20.91
N VAL D 91 -6.00 -18.98 -20.57
CA VAL D 91 -6.81 -17.89 -21.08
C VAL D 91 -6.15 -16.53 -20.83
N LEU D 92 -5.45 -16.41 -19.71
CA LEU D 92 -4.75 -15.18 -19.37
C LEU D 92 -3.65 -14.85 -20.36
N LEU D 93 -2.75 -15.81 -20.56
CA LEU D 93 -1.64 -15.65 -21.47
C LEU D 93 -2.17 -15.53 -22.89
N LYS D 94 -3.40 -16.00 -23.07
CA LYS D 94 -4.06 -15.92 -24.36
C LYS D 94 -4.30 -14.47 -24.76
N ALA D 95 -4.41 -13.59 -23.77
CA ALA D 95 -4.67 -12.18 -24.06
C ALA D 95 -3.63 -11.25 -23.45
N GLY D 96 -2.58 -11.81 -22.86
CA GLY D 96 -1.58 -11.01 -22.20
C GLY D 96 -0.17 -11.56 -22.23
N ALA D 97 0.19 -12.25 -23.31
CA ALA D 97 1.54 -12.79 -23.41
C ALA D 97 2.50 -11.89 -24.18
N MET D 98 2.06 -11.43 -25.34
CA MET D 98 2.91 -10.63 -26.24
C MET D 98 3.20 -9.26 -25.67
N GLU D 99 2.34 -8.84 -24.75
CA GLU D 99 2.45 -7.54 -24.11
C GLU D 99 3.66 -7.50 -23.20
N VAL D 100 3.78 -8.47 -22.30
CA VAL D 100 4.94 -8.59 -21.42
C VAL D 100 6.24 -8.62 -22.21
N VAL D 101 6.18 -9.19 -23.41
CA VAL D 101 7.32 -9.24 -24.30
C VAL D 101 7.69 -7.85 -24.76
N LEU D 102 6.69 -7.14 -25.25
CA LEU D 102 6.85 -5.77 -25.71
C LEU D 102 7.40 -4.92 -24.58
N VAL D 103 6.92 -5.19 -23.38
CA VAL D 103 7.41 -4.51 -22.19
C VAL D 103 8.90 -4.76 -22.00
N ARG D 104 9.31 -6.03 -22.05
CA ARG D 104 10.70 -6.40 -21.84
C ARG D 104 11.66 -5.68 -22.79
N MET D 105 11.14 -5.20 -23.92
CA MET D 105 11.98 -4.59 -24.95
C MET D 105 12.42 -3.15 -24.65
N CYS D 106 11.85 -2.53 -23.63
CA CYS D 106 12.27 -1.18 -23.23
C CYS D 106 13.70 -1.23 -22.73
N ARG D 107 14.07 -2.36 -22.14
CA ARG D 107 15.43 -2.62 -21.72
C ARG D 107 16.33 -2.68 -22.94
N ALA D 108 15.76 -3.11 -24.05
CA ALA D 108 16.54 -3.29 -25.26
C ALA D 108 16.48 -2.04 -26.10
N TYR D 109 15.73 -1.06 -25.62
CA TYR D 109 15.60 0.19 -26.35
C TYR D 109 16.75 1.09 -25.99
N ASN D 110 17.15 1.87 -26.99
CA ASN D 110 18.15 2.89 -26.77
C ASN D 110 17.60 4.20 -27.31
N ALA D 111 17.01 4.98 -26.42
CA ALA D 111 16.33 6.21 -26.80
C ALA D 111 17.29 7.22 -27.41
N ASP D 112 18.58 7.04 -27.16
CA ASP D 112 19.63 7.91 -27.68
C ASP D 112 19.55 8.02 -29.20
N ASN D 113 19.57 6.87 -29.86
CA ASN D 113 19.56 6.82 -31.32
C ASN D 113 18.38 6.02 -31.84
N ARG D 114 17.45 5.71 -30.96
CA ARG D 114 16.27 4.92 -31.30
C ARG D 114 16.68 3.58 -31.89
N THR D 115 17.57 2.87 -31.19
CA THR D 115 18.00 1.56 -31.64
C THR D 115 17.53 0.46 -30.72
N VAL D 116 17.08 -0.64 -31.33
CA VAL D 116 16.62 -1.78 -30.59
C VAL D 116 17.58 -2.93 -30.80
N PHE D 117 17.55 -3.86 -29.86
CA PHE D 117 18.46 -4.99 -29.88
C PHE D 117 17.91 -6.14 -30.68
N PHE D 118 18.51 -6.39 -31.84
CA PHE D 118 18.05 -7.46 -32.70
C PHE D 118 19.19 -8.37 -33.09
N GLU D 119 19.12 -9.61 -32.62
CA GLU D 119 20.08 -10.64 -32.98
C GLU D 119 21.51 -10.22 -32.68
N GLY D 120 21.77 -9.93 -31.41
CA GLY D 120 23.14 -9.70 -30.96
C GLY D 120 23.69 -8.31 -31.17
N LYS D 121 22.92 -7.44 -31.82
CA LYS D 121 23.35 -6.05 -32.00
C LYS D 121 22.18 -5.07 -31.90
N TYR D 122 22.49 -3.79 -32.12
CA TYR D 122 21.49 -2.74 -32.09
C TYR D 122 21.25 -2.17 -33.48
N GLY D 123 19.98 -2.02 -33.86
CA GLY D 123 19.63 -1.52 -35.18
C GLY D 123 18.37 -0.67 -35.17
N GLY D 124 18.29 0.24 -36.13
CA GLY D 124 17.22 1.22 -36.17
C GLY D 124 15.88 0.67 -36.62
N MET D 125 15.00 1.54 -37.11
CA MET D 125 13.71 1.10 -37.59
C MET D 125 13.74 0.87 -39.11
N GLU D 126 14.83 1.30 -39.75
CA GLU D 126 15.02 1.08 -41.17
C GLU D 126 15.49 -0.35 -41.42
N LEU D 127 15.82 -1.04 -40.33
CA LEU D 127 16.28 -2.41 -40.38
C LEU D 127 15.16 -3.32 -40.82
N PHE D 128 13.94 -2.95 -40.43
CA PHE D 128 12.74 -3.73 -40.71
C PHE D 128 11.93 -3.05 -41.81
N ARG D 129 12.61 -2.62 -42.86
CA ARG D 129 11.97 -1.94 -43.96
C ARG D 129 11.03 -2.85 -44.75
N ALA D 130 11.49 -4.07 -45.02
CA ALA D 130 10.73 -5.00 -45.87
C ALA D 130 9.39 -5.45 -45.28
N LEU D 131 9.15 -5.23 -44.00
CA LEU D 131 7.89 -5.67 -43.38
C LEU D 131 6.63 -4.92 -43.82
N GLY D 132 6.80 -3.77 -44.49
CA GLY D 132 5.68 -3.09 -45.13
C GLY D 132 4.69 -2.30 -44.28
N CYS D 133 4.92 -2.18 -42.97
CA CYS D 133 4.00 -1.41 -42.13
C CYS D 133 4.74 -0.49 -41.16
N SER D 134 5.22 0.64 -41.68
CA SER D 134 6.00 1.59 -40.91
C SER D 134 5.20 2.12 -39.72
N GLU D 135 3.89 2.29 -39.91
CA GLU D 135 3.04 2.86 -38.87
C GLU D 135 3.15 2.05 -37.58
N LEU D 136 2.98 0.74 -37.70
CA LEU D 136 3.07 -0.17 -36.56
C LEU D 136 4.49 -0.20 -35.99
N ILE D 137 5.49 -0.14 -36.86
CA ILE D 137 6.87 -0.18 -36.43
C ILE D 137 7.24 1.08 -35.65
N SER D 138 6.88 2.23 -36.23
CA SER D 138 7.12 3.51 -35.59
C SER D 138 6.41 3.59 -34.25
N SER D 139 5.09 3.37 -34.27
CA SER D 139 4.28 3.49 -33.07
C SER D 139 4.76 2.57 -31.95
N ILE D 140 5.57 1.58 -32.30
CA ILE D 140 6.16 0.69 -31.32
C ILE D 140 7.45 1.28 -30.75
N PHE D 141 8.16 2.04 -31.57
CA PHE D 141 9.40 2.68 -31.16
C PHE D 141 9.13 3.88 -30.27
N ASP D 142 8.00 4.54 -30.51
CA ASP D 142 7.60 5.68 -29.73
C ASP D 142 7.05 5.21 -28.41
N PHE D 143 6.64 3.95 -28.38
CA PHE D 143 6.14 3.35 -27.15
C PHE D 143 7.29 3.06 -26.21
N SER D 144 8.33 2.45 -26.75
CA SER D 144 9.51 2.12 -25.95
C SER D 144 10.26 3.39 -25.55
N HIS D 145 9.95 4.49 -26.21
CA HIS D 145 10.44 5.78 -25.78
C HIS D 145 9.80 6.06 -24.43
N SER D 146 8.47 6.02 -24.42
CA SER D 146 7.67 6.27 -23.23
C SER D 146 7.88 5.28 -22.08
N LEU D 147 8.88 4.42 -22.19
CA LEU D 147 9.22 3.54 -21.09
C LEU D 147 10.64 3.74 -20.63
N SER D 148 11.49 4.06 -21.58
CA SER D 148 12.89 4.31 -21.28
C SER D 148 13.01 5.78 -20.93
N ALA D 149 11.89 6.48 -21.03
CA ALA D 149 11.79 7.87 -20.60
C ALA D 149 11.41 7.91 -19.13
N LEU D 150 10.52 7.01 -18.75
CA LEU D 150 10.06 6.94 -17.36
C LEU D 150 11.12 6.29 -16.47
N HIS D 151 12.25 5.92 -17.07
CA HIS D 151 13.38 5.31 -16.37
C HIS D 151 12.94 4.15 -15.49
N PHE D 152 12.30 3.16 -16.12
CA PHE D 152 11.75 2.01 -15.41
C PHE D 152 12.82 1.12 -14.80
N SER D 153 12.64 0.76 -13.54
CA SER D 153 13.59 -0.10 -12.85
C SER D 153 13.15 -1.55 -12.93
N GLU D 154 14.07 -2.47 -12.61
CA GLU D 154 13.81 -3.90 -12.75
C GLU D 154 12.60 -4.35 -11.96
N ASP D 155 12.64 -4.18 -10.64
CA ASP D 155 11.57 -4.64 -9.78
C ASP D 155 10.25 -3.95 -10.08
N GLU D 156 10.33 -2.80 -10.74
CA GLU D 156 9.13 -2.08 -11.18
C GLU D 156 8.43 -2.86 -12.28
N ILE D 157 9.21 -3.25 -13.28
CA ILE D 157 8.71 -4.00 -14.43
C ILE D 157 7.99 -5.27 -14.02
N ALA D 158 8.65 -6.06 -13.18
CA ALA D 158 8.12 -7.33 -12.72
C ALA D 158 6.70 -7.22 -12.22
N LEU D 159 6.38 -6.07 -11.62
CA LEU D 159 5.05 -5.83 -11.08
C LEU D 159 4.03 -5.35 -12.10
N TYR D 160 4.50 -4.67 -13.15
CA TYR D 160 3.60 -4.26 -14.21
C TYR D 160 3.18 -5.49 -15.00
N THR D 161 4.18 -6.27 -15.40
CA THR D 161 3.97 -7.46 -16.22
C THR D 161 3.07 -8.44 -15.51
N ALA D 162 3.38 -8.68 -14.24
CA ALA D 162 2.58 -9.57 -13.41
C ALA D 162 1.13 -9.13 -13.41
N LEU D 163 0.90 -7.82 -13.43
CA LEU D 163 -0.46 -7.29 -13.47
C LEU D 163 -1.06 -7.30 -14.86
N VAL D 164 -0.23 -7.47 -15.88
CA VAL D 164 -0.73 -7.59 -17.22
C VAL D 164 -1.33 -8.96 -17.32
N LEU D 165 -0.52 -9.93 -16.88
CA LEU D 165 -0.93 -11.30 -16.76
C LEU D 165 -2.23 -11.38 -15.98
N ILE D 166 -2.14 -11.11 -14.69
CA ILE D 166 -3.30 -11.28 -13.85
C ILE D 166 -4.38 -10.25 -14.11
N ASN D 167 -5.25 -10.59 -15.04
CA ASN D 167 -6.39 -9.76 -15.33
C ASN D 167 -7.62 -10.64 -15.34
N ALA D 168 -8.51 -10.43 -14.37
CA ALA D 168 -9.73 -11.21 -14.31
C ALA D 168 -10.74 -10.67 -15.31
N HIS D 169 -10.33 -9.71 -16.13
CA HIS D 169 -11.19 -9.26 -17.22
C HIS D 169 -10.85 -9.92 -18.57
N ARG D 170 -9.86 -10.80 -18.60
CA ARG D 170 -9.57 -11.52 -19.84
C ARG D 170 -10.75 -12.43 -20.18
N PRO D 171 -11.34 -12.23 -21.36
CA PRO D 171 -12.46 -13.12 -21.71
C PRO D 171 -11.97 -14.54 -21.94
N GLY D 172 -12.72 -15.51 -21.44
CA GLY D 172 -12.39 -16.91 -21.61
C GLY D 172 -12.12 -17.63 -20.29
N LEU D 173 -12.17 -16.87 -19.20
CA LEU D 173 -11.86 -17.41 -17.88
C LEU D 173 -13.04 -18.16 -17.27
N GLN D 174 -12.74 -19.19 -16.51
CA GLN D 174 -13.76 -20.00 -15.86
C GLN D 174 -13.88 -19.63 -14.38
N GLU D 175 -12.78 -19.80 -13.65
CA GLU D 175 -12.74 -19.43 -12.24
C GLU D 175 -12.32 -17.97 -12.11
N LYS D 176 -13.29 -17.07 -12.15
CA LYS D 176 -13.01 -15.64 -12.16
C LYS D 176 -12.52 -15.12 -10.81
N ARG D 177 -13.35 -15.27 -9.78
CA ARG D 177 -13.03 -14.80 -8.43
C ARG D 177 -11.66 -15.24 -7.95
N LYS D 178 -11.20 -16.39 -8.45
CA LYS D 178 -9.89 -16.87 -8.08
C LYS D 178 -8.82 -15.95 -8.65
N VAL D 179 -9.15 -15.26 -9.73
CA VAL D 179 -8.19 -14.38 -10.40
C VAL D 179 -8.17 -13.00 -9.77
N GLU D 180 -9.36 -12.48 -9.49
CA GLU D 180 -9.48 -11.16 -8.90
C GLU D 180 -8.71 -11.05 -7.60
N GLN D 181 -8.85 -12.04 -6.74
CA GLN D 181 -8.16 -12.02 -5.45
C GLN D 181 -6.66 -11.97 -5.66
N LEU D 182 -6.17 -12.59 -6.73
CA LEU D 182 -4.75 -12.55 -7.04
C LEU D 182 -4.41 -11.25 -7.73
N GLN D 183 -5.40 -10.69 -8.40
CA GLN D 183 -5.26 -9.40 -9.05
C GLN D 183 -5.15 -8.31 -7.98
N TYR D 184 -6.01 -8.39 -6.97
CA TYR D 184 -5.99 -7.47 -5.84
C TYR D 184 -4.64 -7.44 -5.18
N ASN D 185 -4.22 -8.62 -4.70
CA ASN D 185 -3.01 -8.75 -3.93
C ASN D 185 -1.81 -8.17 -4.64
N LEU D 186 -1.71 -8.44 -5.94
CA LEU D 186 -0.62 -7.88 -6.72
C LEU D 186 -0.75 -6.37 -6.87
N GLU D 187 -1.96 -5.90 -7.15
CA GLU D 187 -2.22 -4.47 -7.28
C GLU D 187 -1.85 -3.74 -6.00
N LEU D 188 -2.28 -4.30 -4.88
CA LEU D 188 -1.95 -3.73 -3.57
C LEU D 188 -0.45 -3.73 -3.37
N ALA D 189 0.19 -4.85 -3.73
CA ALA D 189 1.62 -4.98 -3.61
C ALA D 189 2.34 -4.08 -4.61
N PHE D 190 1.65 -3.74 -5.69
CA PHE D 190 2.23 -2.90 -6.73
C PHE D 190 2.54 -1.51 -6.20
N HIS D 191 1.49 -0.74 -5.93
CA HIS D 191 1.63 0.63 -5.47
C HIS D 191 2.47 0.70 -4.21
N HIS D 192 2.41 -0.35 -3.41
CA HIS D 192 3.10 -0.42 -2.13
C HIS D 192 4.61 -0.24 -2.27
N HIS D 193 5.18 -0.83 -3.32
CA HIS D 193 6.61 -0.75 -3.54
C HIS D 193 6.99 0.51 -4.30
N LEU D 194 6.05 1.04 -5.08
CA LEU D 194 6.28 2.30 -5.77
C LEU D 194 6.34 3.44 -4.77
N CYS D 195 5.56 3.31 -3.70
CA CYS D 195 5.60 4.27 -2.61
C CYS D 195 6.88 4.09 -1.81
N LYS D 196 7.19 2.84 -1.47
CA LYS D 196 8.40 2.55 -0.71
C LYS D 196 9.68 3.05 -1.39
N THR D 197 9.54 3.38 -2.68
CA THR D 197 10.63 3.95 -3.45
C THR D 197 10.23 5.30 -4.00
N HIS D 198 9.02 5.73 -3.63
CA HIS D 198 8.51 7.04 -4.02
C HIS D 198 8.46 7.16 -5.54
N ARG D 199 7.90 6.14 -6.19
CA ARG D 199 7.82 6.11 -7.64
C ARG D 199 6.38 6.14 -8.12
N GLN D 200 5.45 6.24 -7.17
CA GLN D 200 4.03 6.26 -7.46
C GLN D 200 3.58 7.38 -8.41
N SER D 201 4.46 8.33 -8.68
CA SER D 201 4.16 9.44 -9.58
C SER D 201 3.93 8.99 -11.01
N ILE D 202 4.53 7.86 -11.37
CA ILE D 202 4.49 7.37 -12.73
C ILE D 202 3.12 6.86 -13.16
N LEU D 203 2.28 6.54 -12.17
CA LEU D 203 0.98 5.93 -12.43
C LEU D 203 0.06 6.74 -13.35
N ALA D 204 0.40 8.01 -13.58
CA ALA D 204 -0.36 8.85 -14.49
C ALA D 204 0.36 9.02 -15.82
N LYS D 205 1.67 8.83 -15.78
CA LYS D 205 2.50 8.93 -16.97
C LYS D 205 2.47 7.60 -17.71
N LEU D 206 1.98 6.56 -17.04
CA LEU D 206 1.91 5.23 -17.61
C LEU D 206 1.03 5.19 -18.84
N PRO D 207 1.48 4.49 -19.89
CA PRO D 207 0.64 4.21 -21.05
C PRO D 207 -0.57 3.42 -20.61
N PRO D 208 -1.75 3.82 -21.09
CA PRO D 208 -3.04 3.30 -20.63
C PRO D 208 -3.21 1.84 -21.00
N LYS D 209 -4.19 1.19 -20.40
CA LYS D 209 -4.60 -0.13 -20.85
C LYS D 209 -5.58 0.06 -22.01
N GLY D 210 -5.42 -0.73 -23.06
CA GLY D 210 -6.22 -0.55 -24.25
C GLY D 210 -5.39 0.15 -25.31
N LYS D 211 -4.14 0.45 -24.95
CA LYS D 211 -3.18 0.98 -25.89
C LYS D 211 -2.17 -0.10 -26.24
N LEU D 212 -1.68 -0.78 -25.20
CA LEU D 212 -0.71 -1.84 -25.36
C LEU D 212 -1.39 -3.04 -25.97
N ARG D 213 -2.68 -3.18 -25.67
CA ARG D 213 -3.45 -4.31 -26.18
C ARG D 213 -3.58 -4.21 -27.69
N SER D 214 -4.14 -3.11 -28.17
CA SER D 214 -4.37 -2.92 -29.59
C SER D 214 -3.11 -2.61 -30.37
N LEU D 215 -1.96 -2.81 -29.73
CA LEU D 215 -0.68 -2.62 -30.39
C LEU D 215 -0.09 -3.99 -30.71
N CYS D 216 -0.26 -4.93 -29.79
CA CYS D 216 0.15 -6.31 -30.03
C CYS D 216 -0.89 -7.05 -30.86
N SER D 217 -2.15 -6.71 -30.66
CA SER D 217 -3.25 -7.33 -31.38
C SER D 217 -3.23 -6.97 -32.86
N GLN D 218 -2.33 -6.07 -33.21
CA GLN D 218 -2.09 -5.68 -34.58
C GLN D 218 -0.79 -6.33 -35.03
N HIS D 219 0.17 -6.39 -34.11
CA HIS D 219 1.46 -7.03 -34.35
C HIS D 219 1.24 -8.45 -34.82
N VAL D 220 0.42 -9.19 -34.09
CA VAL D 220 0.20 -10.59 -34.37
C VAL D 220 -0.65 -10.73 -35.62
N GLU D 221 -1.47 -9.72 -35.89
CA GLU D 221 -2.39 -9.79 -37.02
C GLU D 221 -1.63 -9.79 -38.34
N ARG D 222 -0.44 -9.23 -38.34
CA ARG D 222 0.39 -9.23 -39.53
C ARG D 222 1.35 -10.41 -39.46
N LEU D 223 1.04 -11.35 -38.57
CA LEU D 223 1.89 -12.53 -38.37
C LEU D 223 1.08 -13.82 -38.37
N GLN D 224 -0.18 -13.74 -37.95
CA GLN D 224 -1.13 -14.88 -38.03
C GLN D 224 -1.20 -15.38 -39.47
N ILE D 225 -1.04 -14.46 -40.41
CA ILE D 225 -1.16 -14.76 -41.83
C ILE D 225 0.08 -15.48 -42.35
N PHE D 226 1.24 -14.99 -41.93
CA PHE D 226 2.51 -15.36 -42.58
C PHE D 226 3.19 -16.55 -41.95
N GLN D 227 3.49 -16.42 -40.67
CA GLN D 227 4.23 -17.47 -39.97
C GLN D 227 3.50 -17.88 -38.73
N HIS D 228 2.35 -18.52 -38.93
CA HIS D 228 1.56 -18.96 -37.81
C HIS D 228 2.29 -20.00 -37.00
N LEU D 229 3.32 -19.60 -36.27
CA LEU D 229 4.02 -20.56 -35.44
C LEU D 229 3.95 -20.10 -34.01
N HIS D 230 3.46 -18.88 -33.84
CA HIS D 230 3.26 -18.29 -32.55
C HIS D 230 1.99 -18.80 -31.83
N PRO D 231 1.02 -19.39 -32.57
CA PRO D 231 -0.15 -19.64 -31.76
C PRO D 231 0.01 -20.73 -30.74
N ILE D 232 -0.16 -20.34 -29.47
CA ILE D 232 0.03 -21.22 -28.26
C ILE D 232 1.14 -22.28 -28.49
N1 6Q6 E . -22.57 -5.93 7.29
C2 6Q6 E . -20.40 -6.19 6.20
C4 6Q6 E . -21.14 -6.10 7.53
C5 6Q6 E . -23.07 -6.34 5.98
C6 6Q6 E . -18.91 -5.91 6.41
C7 6Q6 E . -23.21 -4.03 4.99
C13 6Q6 E . -28.22 -6.60 9.07
C14 6Q6 E . -26.08 -8.02 6.64
C15 6Q6 E . -24.83 -8.56 8.62
C16 6Q6 E . -27.57 -4.81 7.58
C17 6Q6 E . -29.52 -6.17 8.92
C18 6Q6 E . -28.88 -4.38 7.43
C19 6Q6 E . -29.84 -5.10 8.13
C20 6Q6 E . -25.85 -9.29 6.14
C24 6Q6 E . -26.33 -6.51 4.74
O1 6Q6 E . -22.91 -5.11 9.33
C8 6Q6 E . -23.37 -5.45 8.24
C3 6Q6 E . -20.99 -5.20 5.19
C1 6Q6 E . -22.48 -5.37 4.97
C9 6Q6 E . -24.85 -5.28 7.92
C10 6Q6 E . -25.79 -6.34 8.49
C11 6Q6 E . -27.22 -5.91 8.38
O5 6Q6 E . -31.18 -4.88 8.18
C23 6Q6 E . -31.71 -5.68 9.25
O3 6Q6 E . -30.68 -6.64 9.49
C12 6Q6 E . -25.57 -7.66 7.88
O4 6Q6 E . -24.36 -8.13 9.82
C21 6Q6 E . -24.57 -9.82 8.13
C22 6Q6 E . -25.09 -10.17 6.89
O6 6Q6 E . -24.83 -11.42 6.42
C25 6Q6 E . -25.30 -11.75 5.11
O2 6Q6 E . -26.83 -7.16 5.89
N1 6Q6 F . -15.43 32.31 -6.15
C2 6Q6 F . -14.25 31.89 -8.23
C4 6Q6 F . -14.48 32.89 -7.10
C5 6Q6 F . -16.72 31.86 -6.68
C6 6Q6 F . -13.34 32.47 -9.29
C7 6Q6 F . -17.71 30.35 -8.47
C13 6Q6 F . -16.30 28.84 -1.44
C14 6Q6 F . -16.73 28.90 -5.24
C15 6Q6 F . -14.50 28.58 -4.54
C16 6Q6 F . -18.02 30.34 -2.28
C17 6Q6 F . -17.22 28.41 -0.49
C18 6Q6 F . -18.92 29.90 -1.32
C19 6Q6 F . -18.48 28.93 -0.44
C20 6Q6 F . -16.62 27.90 -6.20
C24 6Q6 F . -19.08 28.92 -5.72
O1 6Q6 F . -14.07 32.66 -4.40
C8 6Q6 F . -15.14 32.27 -4.84
C3 6Q6 F . -15.57 31.51 -8.87
C1 6Q6 F . -16.44 30.87 -7.82
C9 6Q6 F . -16.18 31.67 -3.91
C10 6Q6 F . -15.78 30.29 -3.39
C11 6Q6 F . -16.72 29.82 -2.34
O5 6Q6 F . -19.15 28.35 0.60
C23 6Q6 F . -18.18 27.68 1.41
O3 6Q6 F . -17.07 27.49 0.51
C12 6Q6 F . -15.68 29.25 -4.42
O4 6Q6 F . -13.46 28.90 -3.74
C21 6Q6 F . -14.35 27.58 -5.49
C22 6Q6 F . -15.41 27.24 -6.31
O6 6Q6 F . -15.22 26.26 -7.23
C25 6Q6 F . -16.32 25.56 -7.83
O2 6Q6 F . -17.94 29.52 -5.15
N1 6Q6 G . 24.46 -0.85 2.89
C2 6Q6 G . 22.59 -0.09 4.26
C4 6Q6 G . 23.13 -1.23 3.39
C5 6Q6 G . 24.57 0.40 2.15
C6 6Q6 G . 21.15 -0.34 4.66
C7 6Q6 G . 24.17 2.87 2.38
C13 6Q6 G . 30.37 -0.91 3.75
C14 6Q6 G . 27.84 1.51 4.17
C15 6Q6 G . 27.05 -0.13 5.72
C16 6Q6 G . 29.35 -0.68 1.56
C17 6Q6 G . 31.60 -0.81 3.10
C18 6Q6 G . 30.58 -0.59 0.93
C19 6Q6 G . 31.69 -0.66 1.75
C20 6Q6 G . 27.57 2.52 5.08
C24 6Q6 G . 27.59 2.38 1.92
O1 6Q6 G . 25.44 -2.71 3.66
C8 6Q6 G . 25.50 -1.66 3.05
C3 6Q6 G . 22.68 1.25 3.53
C1 6Q6 G . 24.10 1.52 3.07
C9 6Q6 G . 26.81 -1.16 2.47
C10 6Q6 G . 27.87 -0.93 3.56
C11 6Q6 G . 29.23 -0.84 2.96
O5 6Q6 G . 33.00 -0.61 1.39
C23 6Q6 G . 33.79 -0.95 2.53
O3 6Q6 G . 32.86 -0.86 3.63
C12 6Q6 G . 27.57 0.19 4.49
O4 6Q6 G . 26.81 -1.45 5.96
C21 6Q6 G . 26.76 0.85 6.64
C22 6Q6 G . 27.03 2.17 6.31
O6 6Q6 G . 26.75 3.15 7.22
C25 6Q6 G . 27.09 4.49 6.88
O2 6Q6 G . 28.39 1.84 2.97
N1 6Q6 H . 9.29 -7.71 -34.16
C2 6Q6 H . 7.71 -5.91 -34.45
C4 6Q6 H . 8.12 -7.30 -34.92
C5 6Q6 H . 10.47 -6.85 -34.25
C6 6Q6 H . 6.56 -5.35 -35.28
C7 6Q6 H . 11.21 -4.43 -34.19
C13 6Q6 H . 11.48 -10.09 -29.20
C14 6Q6 H . 11.02 -6.80 -30.77
C15 6Q6 H . 8.79 -7.52 -30.34
C16 6Q6 H . 12.73 -9.94 -31.28
C17 6Q6 H . 12.62 -10.63 -28.64
C18 6Q6 H . 13.87 -10.48 -30.71
C19 6Q6 H . 13.76 -10.82 -29.37
C20 6Q6 H . 10.70 -5.54 -30.32
C24 6Q6 H . 13.07 -6.12 -31.90
O1 6Q6 H . 8.30 -9.57 -33.41
C8 6Q6 H . 9.29 -8.86 -33.48
C3 6Q6 H . 8.86 -4.93 -34.56
C1 6Q6 H . 10.10 -5.42 -33.86
C9 6Q6 H . 10.55 -9.23 -32.73
C10 6Q6 H . 10.36 -9.17 -31.21
C11 6Q6 H . 11.55 -9.76 -30.54
O5 6Q6 H . 14.70 -11.38 -28.56
C23 6Q6 H . 14.04 -11.83 -27.36
O3 6Q6 H . 12.81 -11.07 -27.36
C12 6Q6 H . 10.06 -7.79 -30.77
O4 6Q6 H . 7.85 -8.51 -30.35
C21 6Q6 H . 8.44 -6.26 -29.91
C22 6Q6 H . 9.42 -5.28 -29.91
O6 6Q6 H . 9.08 -4.03 -29.48
C25 6Q6 H . 10.03 -2.98 -29.54
O2 6Q6 H . 12.31 -7.06 -31.17
#